data_7RA7
#
_entry.id   7RA7
#
_cell.length_a   71.359
_cell.length_b   73.877
_cell.length_c   86.446
_cell.angle_alpha   90.000
_cell.angle_beta   97.820
_cell.angle_gamma   90.000
#
_symmetry.space_group_name_H-M   'P 1 21 1'
#
loop_
_entity.id
_entity.type
_entity.pdbx_description
1 polymer '11A Fab heavy chain'
2 polymer '11A Fab light chain'
3 non-polymer 'SULFATE ION'
4 non-polymer 'PENTAETHYLENE GLYCOL'
5 water water
#
loop_
_entity_poly.entity_id
_entity_poly.type
_entity_poly.pdbx_seq_one_letter_code
_entity_poly.pdbx_strand_id
1 'polypeptide(L)'
;(PCA)LVESGGGLVKPGTSLSLTCKASGFDFSDNYYICWVRQAPGKGLEWIGCIFTQNVRTYYANWAKGRFTISKTSSTT
VTLQMTSLTVADTATYFCARFSDTGPDYGLGNLWGPGSLVTVSSGQPKAPSVFPLAPCCGDTPSSTVTLGCLVKGYLPEP
VTVTWNSGTLTNGVRTFPSVRQSSGLYSLSSVVSVTSSSQPVTCNVAHPATNTKVDKTVAPSTCSHHHHHH
;
H,A
2 'polypeptide(L)'
;DIVMTQTPASVEAAVGGTVTIKCQASQRIGSHVSWYQQKPGQRPKLLIYGASNLESGVPSRFSGSGSGTQFTLTISDLEC
ADAATYYCQATYDPYTGGSYGAGFGGGTAVVVKGDPVAPSVLIFPPAADQVATGTVTIVCVANKYFPDVTVTWEVDGTTQ
TTGIENSKTPQNSADCTYNLSSTLTLTSTQYNSHKEYTCKVTQGTTSVVQSFNRGDC
;
L,B
#
loop_
_chem_comp.id
_chem_comp.type
_chem_comp.name
_chem_comp.formula
1PE non-polymer 'PENTAETHYLENE GLYCOL' 'C10 H22 O6'
SO4 non-polymer 'SULFATE ION' 'O4 S -2'
#
# COMPACT_ATOMS: atom_id res chain seq x y z
N PCA A 1 20.13 -21.82 15.36
CA PCA A 1 20.71 -21.39 14.09
CB PCA A 1 19.66 -21.43 12.97
CG PCA A 1 18.33 -21.76 13.62
CD PCA A 1 18.71 -22.02 15.06
OE PCA A 1 17.88 -22.38 15.89
C PCA A 1 21.31 -20.01 14.20
O PCA A 1 21.42 -19.46 15.30
HA PCA A 1 21.41 -22.03 13.83
HB2 PCA A 1 19.62 -20.56 12.53
HB3 PCA A 1 19.90 -22.10 12.31
HG2 PCA A 1 17.70 -21.00 13.54
HG3 PCA A 1 17.92 -22.54 13.21
N LEU A 2 21.71 -19.43 13.07
CA LEU A 2 22.34 -18.12 13.03
C LEU A 2 21.45 -17.09 12.35
N VAL A 3 21.38 -15.89 12.93
CA VAL A 3 20.55 -14.81 12.41
C VAL A 3 21.38 -13.54 12.40
N GLU A 4 21.58 -12.97 11.21
CA GLU A 4 22.28 -11.70 11.08
C GLU A 4 21.28 -10.55 11.11
N SER A 5 21.69 -9.44 11.69
CA SER A 5 20.86 -8.24 11.74
C SER A 5 21.77 -7.02 11.88
N GLY A 6 21.16 -5.84 11.83
CA GLY A 6 21.87 -4.59 11.93
C GLY A 6 22.07 -3.87 10.62
N GLY A 7 21.67 -4.47 9.51
CA GLY A 7 21.89 -3.91 8.19
C GLY A 7 20.69 -3.12 7.68
N GLY A 8 20.77 -2.75 6.40
CA GLY A 8 19.77 -1.95 5.75
C GLY A 8 20.43 -0.94 4.83
N LEU A 9 19.68 0.12 4.53
CA LEU A 9 20.18 1.20 3.68
C LEU A 9 21.01 2.16 4.51
N VAL A 10 22.22 2.48 4.05
CA VAL A 10 23.11 3.40 4.74
C VAL A 10 23.87 4.23 3.71
N LYS A 11 24.27 5.43 4.13
CA LYS A 11 24.91 6.37 3.23
C LYS A 11 26.40 6.05 3.08
N PRO A 12 26.99 6.37 1.92
CA PRO A 12 28.42 6.12 1.75
C PRO A 12 29.24 6.92 2.76
N GLY A 13 30.36 6.34 3.17
CA GLY A 13 31.23 6.96 4.14
C GLY A 13 30.87 6.68 5.58
N THR A 14 29.73 6.05 5.85
CA THR A 14 29.29 5.79 7.21
C THR A 14 29.87 4.46 7.69
N SER A 15 29.52 4.08 8.91
CA SER A 15 29.99 2.85 9.51
C SER A 15 28.79 2.07 10.06
N LEU A 16 29.00 0.76 10.20
CA LEU A 16 27.91 -0.15 10.52
C LEU A 16 28.41 -1.24 11.45
N SER A 17 27.51 -1.72 12.31
CA SER A 17 27.76 -2.86 13.18
C SER A 17 26.70 -3.91 12.88
N LEU A 18 27.12 -5.02 12.29
CA LEU A 18 26.25 -6.17 12.07
C LEU A 18 26.48 -7.17 13.19
N THR A 19 25.40 -7.78 13.66
CA THR A 19 25.47 -8.77 14.73
C THR A 19 25.01 -10.12 14.21
N CYS A 20 25.67 -11.17 14.71
CA CYS A 20 25.30 -12.55 14.41
C CYS A 20 24.91 -13.22 15.72
N LYS A 21 23.64 -13.58 15.84
CA LYS A 21 23.09 -14.13 17.07
C LYS A 21 22.83 -15.62 16.91
N ALA A 22 23.21 -16.38 17.93
CA ALA A 22 23.02 -17.83 17.93
C ALA A 22 21.82 -18.21 18.79
N SER A 23 21.17 -19.31 18.42
CA SER A 23 20.05 -19.85 19.16
C SER A 23 20.18 -21.37 19.21
N GLY A 24 19.79 -21.95 20.34
CA GLY A 24 19.95 -23.38 20.54
C GLY A 24 21.36 -23.81 20.81
N PHE A 25 22.30 -22.87 20.91
CA PHE A 25 23.70 -23.12 21.26
C PHE A 25 24.34 -21.75 21.43
N ASP A 26 25.46 -21.72 22.14
CA ASP A 26 26.17 -20.48 22.38
C ASP A 26 27.64 -20.66 22.03
N PHE A 27 28.37 -19.54 22.07
CA PHE A 27 29.78 -19.50 21.70
C PHE A 27 30.69 -19.84 22.87
N SER A 28 30.17 -20.50 23.91
CA SER A 28 31.03 -21.03 24.95
C SER A 28 31.73 -22.30 24.50
N ASP A 29 31.14 -23.04 23.56
CA ASP A 29 31.82 -24.14 22.91
C ASP A 29 32.91 -23.62 21.99
N ASN A 30 33.67 -24.54 21.41
CA ASN A 30 34.79 -24.21 20.53
C ASN A 30 34.30 -24.24 19.08
N TYR A 31 34.13 -23.04 18.50
CA TYR A 31 33.84 -22.90 17.08
C TYR A 31 34.69 -21.78 16.51
N TYR A 32 34.65 -21.65 15.19
CA TYR A 32 35.00 -20.43 14.49
C TYR A 32 33.72 -19.79 13.99
N ILE A 33 33.61 -18.48 14.17
CA ILE A 33 32.50 -17.70 13.63
C ILE A 33 33.08 -16.79 12.57
N CYS A 34 32.72 -17.04 11.32
CA CYS A 34 33.29 -16.34 10.18
C CYS A 34 32.23 -15.47 9.50
N TRP A 35 32.69 -14.38 8.90
CA TRP A 35 31.83 -13.49 8.12
C TRP A 35 32.22 -13.59 6.66
N VAL A 36 31.23 -13.84 5.81
CA VAL A 36 31.42 -13.95 4.38
C VAL A 36 30.37 -13.09 3.70
N ARG A 37 30.80 -12.22 2.79
CA ARG A 37 29.89 -11.34 2.09
C ARG A 37 29.82 -11.71 0.62
N GLN A 38 28.77 -11.21 -0.04
CA GLN A 38 28.56 -11.48 -1.46
C GLN A 38 27.83 -10.29 -2.06
N ALA A 39 28.50 -9.56 -2.94
CA ALA A 39 27.81 -8.53 -3.70
C ALA A 39 26.78 -9.19 -4.61
N PRO A 40 25.68 -8.49 -4.91
CA PRO A 40 24.63 -9.12 -5.73
C PRO A 40 25.15 -9.55 -7.09
N GLY A 41 24.92 -10.81 -7.42
CA GLY A 41 25.38 -11.36 -8.68
C GLY A 41 26.86 -11.66 -8.76
N LYS A 42 27.57 -11.68 -7.64
CA LYS A 42 29.00 -11.94 -7.65
C LYS A 42 29.36 -13.07 -6.70
N GLY A 43 30.66 -13.28 -6.47
CA GLY A 43 31.12 -14.44 -5.73
C GLY A 43 31.17 -14.22 -4.23
N LEU A 44 31.45 -15.30 -3.52
CA LEU A 44 31.65 -15.24 -2.07
C LEU A 44 33.01 -14.65 -1.75
N GLU A 45 33.06 -13.83 -0.71
CA GLU A 45 34.30 -13.17 -0.30
C GLU A 45 34.44 -13.29 1.21
N TRP A 46 35.45 -14.04 1.66
CA TRP A 46 35.72 -14.20 3.08
C TRP A 46 36.24 -12.90 3.67
N ILE A 47 35.72 -12.53 4.84
CA ILE A 47 36.14 -11.33 5.54
C ILE A 47 37.07 -11.66 6.70
N GLY A 48 36.65 -12.54 7.59
CA GLY A 48 37.48 -12.94 8.71
C GLY A 48 36.71 -13.90 9.59
N CYS A 49 37.44 -14.54 10.48
CA CYS A 49 36.87 -15.45 11.46
C CYS A 49 37.33 -15.03 12.86
N ILE A 50 36.60 -15.50 13.86
CA ILE A 50 36.98 -15.34 15.26
C ILE A 50 36.79 -16.68 15.94
N PHE A 51 37.77 -17.08 16.74
CA PHE A 51 37.70 -18.32 17.50
C PHE A 51 37.04 -18.05 18.84
N THR A 52 35.98 -18.79 19.15
CA THR A 52 35.17 -18.50 20.33
C THR A 52 35.89 -18.82 21.63
N GLN A 53 36.87 -19.73 21.60
CA GLN A 53 37.54 -20.12 22.84
C GLN A 53 38.39 -18.98 23.39
N ASN A 54 39.27 -18.41 22.55
CA ASN A 54 40.23 -17.41 22.99
C ASN A 54 40.05 -16.08 22.27
N VAL A 55 38.90 -15.86 21.64
CA VAL A 55 38.58 -14.67 20.84
C VAL A 55 39.77 -14.22 20.01
N ARG A 56 40.56 -15.17 19.51
CA ARG A 56 41.56 -14.85 18.51
C ARG A 56 40.88 -14.60 17.17
N THR A 57 41.38 -13.62 16.42
CA THR A 57 40.76 -13.19 15.18
C THR A 57 41.72 -13.36 14.02
N TYR A 58 41.16 -13.65 12.85
CA TYR A 58 41.93 -13.81 11.62
C TYR A 58 41.16 -13.15 10.49
N TYR A 59 41.78 -12.17 9.84
CA TYR A 59 41.14 -11.36 8.81
C TYR A 59 41.76 -11.62 7.45
N ALA A 60 40.97 -11.43 6.40
CA ALA A 60 41.53 -11.35 5.06
C ALA A 60 42.37 -10.10 4.94
N ASN A 61 43.48 -10.20 4.21
CA ASN A 61 44.40 -9.06 4.13
C ASN A 61 43.70 -7.81 3.62
N TRP A 62 42.79 -7.96 2.66
CA TRP A 62 42.07 -6.81 2.12
C TRP A 62 41.11 -6.21 3.14
N ALA A 63 40.68 -6.99 4.13
CA ALA A 63 39.64 -6.56 5.06
C ALA A 63 40.20 -6.04 6.38
N LYS A 64 41.51 -6.11 6.59
CA LYS A 64 42.07 -5.72 7.89
C LYS A 64 41.73 -4.29 8.24
N GLY A 65 41.85 -3.38 7.27
CA GLY A 65 41.73 -1.96 7.59
C GLY A 65 40.33 -1.56 8.01
N ARG A 66 39.31 -2.06 7.32
CA ARG A 66 37.95 -1.54 7.47
C ARG A 66 37.01 -2.47 8.23
N PHE A 67 37.45 -3.67 8.61
CA PHE A 67 36.56 -4.65 9.23
C PHE A 67 37.13 -5.13 10.55
N THR A 68 36.23 -5.37 11.50
CA THR A 68 36.59 -5.83 12.84
C THR A 68 35.55 -6.82 13.32
N ILE A 69 36.02 -7.94 13.87
CA ILE A 69 35.15 -8.98 14.42
C ILE A 69 35.42 -9.09 15.91
N SER A 70 34.35 -9.24 16.69
CA SER A 70 34.49 -9.36 18.14
C SER A 70 33.33 -10.15 18.71
N LYS A 71 33.57 -10.76 19.86
CA LYS A 71 32.58 -11.55 20.58
C LYS A 71 32.06 -10.69 21.73
N THR A 72 30.88 -10.09 21.53
CA THR A 72 30.32 -9.20 22.54
C THR A 72 29.57 -9.93 23.63
N SER A 73 29.10 -11.15 23.36
CA SER A 73 28.45 -11.97 24.38
C SER A 73 28.61 -13.44 23.99
N SER A 74 28.11 -14.32 24.86
CA SER A 74 28.18 -15.75 24.58
C SER A 74 27.31 -16.18 23.41
N THR A 75 26.40 -15.30 22.95
CA THR A 75 25.49 -15.64 21.86
C THR A 75 25.52 -14.64 20.72
N THR A 76 26.38 -13.63 20.77
CA THR A 76 26.43 -12.61 19.72
C THR A 76 27.86 -12.34 19.32
N VAL A 77 28.12 -12.40 18.02
CA VAL A 77 29.36 -11.94 17.40
C VAL A 77 29.00 -10.77 16.50
N THR A 78 29.78 -9.70 16.58
CA THR A 78 29.50 -8.48 15.83
C THR A 78 30.58 -8.25 14.77
N LEU A 79 30.14 -7.75 13.61
CA LEU A 79 31.03 -7.34 12.54
C LEU A 79 30.92 -5.83 12.38
N GLN A 80 31.98 -5.12 12.73
CA GLN A 80 32.05 -3.67 12.56
C GLN A 80 32.77 -3.35 11.26
N MET A 81 32.19 -2.46 10.47
CA MET A 81 32.76 -2.04 9.20
C MET A 81 32.73 -0.52 9.12
N THR A 82 33.73 0.03 8.43
CA THR A 82 33.93 1.47 8.36
C THR A 82 34.08 1.91 6.91
N SER A 83 33.80 3.19 6.68
CA SER A 83 34.01 3.84 5.39
C SER A 83 33.37 3.04 4.26
N LEU A 84 32.06 2.85 4.38
CA LEU A 84 31.33 2.06 3.40
C LEU A 84 31.18 2.81 2.07
N THR A 85 31.25 2.07 0.98
CA THR A 85 30.97 2.57 -0.35
C THR A 85 30.05 1.60 -1.07
N VAL A 86 29.69 1.95 -2.31
CA VAL A 86 28.82 1.09 -3.11
C VAL A 86 29.44 -0.28 -3.29
N ALA A 87 30.78 -0.35 -3.34
CA ALA A 87 31.45 -1.64 -3.47
C ALA A 87 31.19 -2.55 -2.28
N ASP A 88 30.69 -2.01 -1.18
CA ASP A 88 30.38 -2.80 0.01
C ASP A 88 28.93 -3.28 0.04
N THR A 89 28.10 -2.86 -0.92
CA THR A 89 26.75 -3.40 -1.01
C THR A 89 26.81 -4.90 -1.23
N ALA A 90 26.24 -5.65 -0.30
CA ALA A 90 26.37 -7.11 -0.33
C ALA A 90 25.48 -7.69 0.75
N THR A 91 25.25 -9.01 0.64
CA THR A 91 24.68 -9.79 1.72
C THR A 91 25.82 -10.32 2.59
N TYR A 92 25.74 -10.05 3.89
CA TYR A 92 26.81 -10.40 4.83
C TYR A 92 26.37 -11.63 5.62
N PHE A 93 26.93 -12.77 5.27
CA PHE A 93 26.59 -14.03 5.91
C PHE A 93 27.42 -14.24 7.16
N CYS A 94 26.79 -14.86 8.15
CA CYS A 94 27.47 -15.39 9.33
C CYS A 94 27.50 -16.91 9.21
N ALA A 95 28.67 -17.51 9.44
CA ALA A 95 28.84 -18.94 9.28
C ALA A 95 29.62 -19.49 10.47
N ARG A 96 29.20 -20.67 10.92
CA ARG A 96 29.87 -21.38 12.01
C ARG A 96 30.64 -22.56 11.44
N PHE A 97 31.92 -22.64 11.78
CA PHE A 97 32.80 -23.72 11.35
C PHE A 97 33.13 -24.59 12.56
N SER A 98 32.66 -25.84 12.52
CA SER A 98 32.75 -26.73 13.66
C SER A 98 33.99 -27.62 13.57
N ASP A 99 34.27 -28.30 14.68
CA ASP A 99 35.44 -29.17 14.78
C ASP A 99 35.16 -30.52 14.11
N THR A 100 36.06 -30.96 13.25
CA THR A 100 36.02 -32.29 12.69
C THR A 100 36.97 -33.26 13.39
N GLY A 101 37.69 -32.78 14.41
CA GLY A 101 38.68 -33.58 15.08
C GLY A 101 40.06 -32.98 14.96
N PRO A 102 40.64 -33.03 13.76
CA PRO A 102 41.96 -32.40 13.53
C PRO A 102 41.89 -30.97 13.00
N ASP A 103 40.71 -30.49 12.61
CA ASP A 103 40.59 -29.18 12.00
C ASP A 103 39.16 -28.67 12.20
N TYR A 104 38.93 -27.43 11.78
CA TYR A 104 37.64 -26.76 11.91
C TYR A 104 37.09 -26.38 10.54
N GLY A 105 37.17 -27.28 9.57
CA GLY A 105 36.73 -27.00 8.21
C GLY A 105 35.27 -27.27 7.93
N LEU A 106 34.48 -27.63 8.94
CA LEU A 106 33.08 -28.01 8.74
C LEU A 106 32.21 -26.77 8.90
N GLY A 107 32.04 -26.03 7.80
CA GLY A 107 31.21 -24.85 7.79
C GLY A 107 29.82 -25.14 7.26
N ASN A 108 29.02 -25.89 8.03
CA ASN A 108 27.73 -26.38 7.59
C ASN A 108 26.55 -25.64 8.21
N LEU A 109 26.80 -24.56 8.93
CA LEU A 109 25.73 -23.75 9.51
C LEU A 109 25.90 -22.31 9.06
N TRP A 110 25.02 -21.87 8.16
CA TRP A 110 25.04 -20.53 7.61
C TRP A 110 23.73 -19.82 7.93
N GLY A 111 23.82 -18.55 8.28
CA GLY A 111 22.66 -17.71 8.37
C GLY A 111 22.19 -17.28 7.00
N PRO A 112 20.99 -16.71 6.94
CA PRO A 112 20.48 -16.21 5.66
C PRO A 112 21.17 -14.92 5.20
N GLY A 113 21.93 -14.27 6.07
CA GLY A 113 22.65 -13.07 5.70
C GLY A 113 21.87 -11.79 6.00
N SER A 114 22.63 -10.71 6.15
CA SER A 114 22.08 -9.38 6.37
C SER A 114 22.47 -8.50 5.19
N LEU A 115 21.48 -7.96 4.50
CA LEU A 115 21.74 -7.16 3.30
C LEU A 115 22.09 -5.73 3.69
N VAL A 116 23.22 -5.24 3.20
CA VAL A 116 23.66 -3.86 3.40
C VAL A 116 23.63 -3.18 2.03
N THR A 117 22.87 -2.09 1.94
CA THR A 117 22.78 -1.31 0.70
C THR A 117 23.38 0.06 0.96
N VAL A 118 24.53 0.33 0.34
CA VAL A 118 25.24 1.58 0.51
C VAL A 118 24.81 2.50 -0.63
N SER A 119 23.95 3.46 -0.32
CA SER A 119 23.45 4.40 -1.33
C SER A 119 23.15 5.72 -0.65
N SER A 120 23.26 6.80 -1.42
CA SER A 120 22.87 8.12 -0.95
C SER A 120 21.38 8.39 -1.14
N GLY A 121 20.65 7.49 -1.80
CA GLY A 121 19.24 7.69 -1.99
C GLY A 121 18.44 7.47 -0.71
N GLN A 122 17.21 7.99 -0.73
CA GLN A 122 16.30 7.87 0.39
C GLN A 122 15.50 6.57 0.28
N PRO A 123 15.12 5.94 1.39
CA PRO A 123 14.23 4.78 1.30
C PRO A 123 12.93 5.14 0.61
N LYS A 124 12.42 4.22 -0.19
CA LYS A 124 11.24 4.47 -1.00
C LYS A 124 10.40 3.21 -1.10
N ALA A 125 9.11 3.32 -0.77
CA ALA A 125 8.22 2.18 -0.83
C ALA A 125 7.83 1.89 -2.28
N PRO A 126 7.54 0.63 -2.61
CA PRO A 126 7.22 0.30 -4.00
C PRO A 126 5.84 0.77 -4.39
N SER A 127 5.68 1.06 -5.68
CA SER A 127 4.38 1.29 -6.29
C SER A 127 3.96 0.01 -6.98
N VAL A 128 2.84 -0.56 -6.57
CA VAL A 128 2.36 -1.83 -7.08
C VAL A 128 1.28 -1.57 -8.13
N PHE A 129 1.47 -2.13 -9.32
CA PHE A 129 0.53 -1.98 -10.43
C PHE A 129 0.08 -3.35 -10.93
N PRO A 130 -1.20 -3.52 -11.24
CA PRO A 130 -1.67 -4.82 -11.73
C PRO A 130 -1.15 -5.13 -13.12
N LEU A 131 -1.08 -6.43 -13.42
CA LEU A 131 -0.68 -6.91 -14.73
C LEU A 131 -1.79 -7.83 -15.25
N ALA A 132 -2.44 -7.40 -16.32
CA ALA A 132 -3.54 -8.15 -16.92
C ALA A 132 -3.48 -8.00 -18.44
N PRO A 133 -4.02 -8.95 -19.19
CA PRO A 133 -4.00 -8.84 -20.64
C PRO A 133 -4.76 -7.60 -21.12
N CYS A 134 -4.43 -7.18 -22.34
CA CYS A 134 -5.09 -6.02 -22.94
C CYS A 134 -6.60 -6.21 -22.96
N CYS A 135 -7.32 -5.14 -22.62
CA CYS A 135 -8.77 -5.22 -22.52
C CYS A 135 -9.41 -5.66 -23.83
N GLY A 136 -8.84 -5.23 -24.96
CA GLY A 136 -9.41 -5.52 -26.26
C GLY A 136 -9.17 -6.91 -26.79
N ASP A 137 -8.43 -7.75 -26.07
CA ASP A 137 -8.15 -9.10 -26.50
C ASP A 137 -9.28 -10.05 -26.10
N THR A 138 -9.53 -11.03 -26.95
CA THR A 138 -10.53 -12.05 -26.64
C THR A 138 -10.02 -12.92 -25.50
N PRO A 139 -10.72 -12.98 -24.37
CA PRO A 139 -10.21 -13.78 -23.24
C PRO A 139 -10.20 -15.26 -23.55
N SER A 140 -9.30 -15.97 -22.89
CA SER A 140 -9.18 -17.41 -22.96
C SER A 140 -9.65 -18.03 -21.65
N SER A 141 -9.73 -19.37 -21.64
CA SER A 141 -10.20 -20.06 -20.44
C SER A 141 -9.18 -20.02 -19.32
N THR A 142 -7.89 -19.88 -19.64
CA THR A 142 -6.84 -19.70 -18.65
C THR A 142 -6.20 -18.33 -18.88
N VAL A 143 -5.88 -17.64 -17.80
CA VAL A 143 -5.36 -16.28 -17.86
C VAL A 143 -4.17 -16.15 -16.91
N THR A 144 -3.18 -15.36 -17.32
CA THR A 144 -2.02 -15.05 -16.50
C THR A 144 -2.14 -13.61 -16.02
N LEU A 145 -2.15 -13.43 -14.70
CA LEU A 145 -2.24 -12.13 -14.08
C LEU A 145 -1.02 -11.91 -13.19
N GLY A 146 -0.75 -10.66 -12.85
CA GLY A 146 0.42 -10.39 -12.04
C GLY A 146 0.39 -9.00 -11.44
N CYS A 147 1.51 -8.67 -10.79
CA CYS A 147 1.71 -7.37 -10.17
C CYS A 147 3.11 -6.87 -10.50
N LEU A 148 3.19 -5.59 -10.88
CA LEU A 148 4.47 -4.92 -11.11
C LEU A 148 4.83 -4.13 -9.86
N VAL A 149 5.98 -4.47 -9.27
CA VAL A 149 6.45 -3.83 -8.04
C VAL A 149 7.57 -2.89 -8.45
N LYS A 150 7.26 -1.60 -8.56
CA LYS A 150 8.10 -0.64 -9.26
C LYS A 150 8.67 0.40 -8.30
N GLY A 151 9.97 0.64 -8.42
CA GLY A 151 10.61 1.80 -7.80
C GLY A 151 10.68 1.78 -6.29
N TYR A 152 11.40 0.83 -5.72
CA TYR A 152 11.60 0.76 -4.28
C TYR A 152 13.08 0.74 -3.95
N LEU A 153 13.41 1.23 -2.74
CA LEU A 153 14.76 1.23 -2.26
C LEU A 153 14.69 1.11 -0.74
N PRO A 154 15.47 0.20 -0.12
CA PRO A 154 16.35 -0.81 -0.73
C PRO A 154 15.65 -2.14 -0.97
N GLU A 155 16.42 -3.14 -1.40
CA GLU A 155 15.94 -4.50 -1.38
C GLU A 155 15.76 -4.97 0.06
N PRO A 156 14.95 -6.01 0.29
CA PRO A 156 14.15 -6.75 -0.68
C PRO A 156 12.66 -6.45 -0.57
N VAL A 157 11.88 -7.01 -1.49
CA VAL A 157 10.44 -7.15 -1.33
C VAL A 157 10.11 -8.62 -1.51
N THR A 158 9.06 -9.07 -0.84
CA THR A 158 8.56 -10.43 -0.98
C THR A 158 7.12 -10.37 -1.45
N VAL A 159 6.77 -11.26 -2.37
CA VAL A 159 5.45 -11.29 -2.99
C VAL A 159 4.83 -12.65 -2.75
N THR A 160 3.61 -12.65 -2.24
CA THR A 160 2.77 -13.85 -2.17
C THR A 160 1.47 -13.57 -2.89
N TRP A 161 0.65 -14.61 -3.02
CA TRP A 161 -0.64 -14.51 -3.69
C TRP A 161 -1.71 -15.12 -2.79
N ASN A 162 -2.83 -14.41 -2.65
CA ASN A 162 -3.91 -14.84 -1.77
C ASN A 162 -3.38 -15.19 -0.38
N SER A 163 -2.46 -14.36 0.11
CA SER A 163 -1.88 -14.51 1.44
C SER A 163 -1.17 -15.85 1.61
N GLY A 164 -0.62 -16.37 0.52
CA GLY A 164 0.19 -17.58 0.56
C GLY A 164 -0.54 -18.86 0.22
N THR A 165 -1.83 -18.80 -0.08
CA THR A 165 -2.58 -20.00 -0.43
C THR A 165 -2.48 -20.35 -1.90
N LEU A 166 -2.26 -19.36 -2.77
CA LEU A 166 -2.05 -19.59 -4.20
C LEU A 166 -0.55 -19.60 -4.46
N THR A 167 -0.01 -20.80 -4.70
CA THR A 167 1.40 -20.97 -4.95
C THR A 167 1.71 -21.74 -6.24
N ASN A 168 0.72 -22.40 -6.84
CA ASN A 168 0.93 -23.13 -8.08
C ASN A 168 0.87 -22.17 -9.27
N GLY A 169 1.88 -22.24 -10.13
CA GLY A 169 1.94 -21.38 -11.29
C GLY A 169 2.51 -20.00 -11.04
N VAL A 170 3.04 -19.75 -9.84
CA VAL A 170 3.59 -18.45 -9.50
C VAL A 170 5.01 -18.36 -10.02
N ARG A 171 5.33 -17.25 -10.69
CA ARG A 171 6.68 -16.97 -11.17
C ARG A 171 7.04 -15.56 -10.71
N THR A 172 7.84 -15.48 -9.65
CA THR A 172 8.31 -14.20 -9.12
C THR A 172 9.75 -14.00 -9.54
N PHE A 173 9.98 -12.98 -10.37
CA PHE A 173 11.28 -12.77 -10.99
C PHE A 173 12.22 -12.05 -10.03
N PRO A 174 13.53 -12.22 -10.20
CA PRO A 174 14.48 -11.42 -9.42
C PRO A 174 14.36 -9.95 -9.79
N SER A 175 14.78 -9.11 -8.86
CA SER A 175 14.64 -7.68 -9.04
C SER A 175 15.66 -7.16 -10.05
N VAL A 176 15.25 -6.12 -10.77
CA VAL A 176 16.15 -5.37 -11.64
C VAL A 176 16.41 -4.02 -10.99
N ARG A 177 17.53 -3.41 -11.36
CA ARG A 177 17.91 -2.11 -10.85
C ARG A 177 18.16 -1.18 -12.03
N GLN A 178 17.38 -0.10 -12.10
CA GLN A 178 17.54 0.86 -13.18
C GLN A 178 18.71 1.80 -12.88
N SER A 179 18.92 2.77 -13.75
CA SER A 179 20.06 3.67 -13.62
C SER A 179 19.99 4.47 -12.32
N SER A 180 18.81 5.00 -11.98
CA SER A 180 18.66 5.80 -10.78
C SER A 180 18.82 5.00 -9.49
N GLY A 181 19.00 3.68 -9.57
CA GLY A 181 19.24 2.87 -8.40
C GLY A 181 18.00 2.27 -7.77
N LEU A 182 16.81 2.61 -8.27
CA LEU A 182 15.59 2.00 -7.74
C LEU A 182 15.43 0.59 -8.27
N TYR A 183 14.84 -0.27 -7.45
CA TYR A 183 14.60 -1.66 -7.80
C TYR A 183 13.18 -1.85 -8.31
N SER A 184 13.01 -2.90 -9.11
CA SER A 184 11.69 -3.28 -9.60
C SER A 184 11.67 -4.77 -9.86
N LEU A 185 10.49 -5.37 -9.69
CA LEU A 185 10.31 -6.77 -10.05
C LEU A 185 8.83 -7.01 -10.33
N SER A 186 8.56 -8.13 -10.98
CA SER A 186 7.20 -8.56 -11.27
C SER A 186 6.98 -9.95 -10.72
N SER A 187 5.71 -10.27 -10.51
CA SER A 187 5.29 -11.62 -10.17
C SER A 187 4.01 -11.92 -10.93
N VAL A 188 4.01 -13.02 -11.67
CA VAL A 188 2.85 -13.43 -12.45
C VAL A 188 2.39 -14.79 -11.96
N VAL A 189 1.14 -15.12 -12.26
CA VAL A 189 0.55 -16.40 -11.88
C VAL A 189 -0.50 -16.79 -12.90
N SER A 190 -0.51 -18.05 -13.28
CA SER A 190 -1.45 -18.58 -14.26
C SER A 190 -2.63 -19.20 -13.52
N VAL A 191 -3.83 -18.71 -13.81
CA VAL A 191 -5.05 -19.18 -13.17
C VAL A 191 -6.14 -19.37 -14.22
N THR A 192 -7.17 -20.13 -13.84
CA THR A 192 -8.33 -20.28 -14.71
C THR A 192 -9.08 -18.96 -14.81
N SER A 193 -9.61 -18.68 -15.99
CA SER A 193 -10.26 -17.41 -16.27
C SER A 193 -11.72 -17.43 -15.83
N SER A 194 -12.25 -16.23 -15.55
CA SER A 194 -13.61 -16.09 -15.03
C SER A 194 -13.81 -16.99 -13.82
N SER A 195 -12.80 -17.03 -12.94
CA SER A 195 -12.77 -18.00 -11.86
C SER A 195 -12.16 -17.42 -10.59
N GLN A 196 -10.90 -16.99 -10.67
CA GLN A 196 -10.14 -16.61 -9.48
C GLN A 196 -9.83 -15.12 -9.50
N PRO A 197 -10.39 -14.32 -8.59
CA PRO A 197 -9.87 -12.96 -8.37
C PRO A 197 -8.66 -13.01 -7.44
N VAL A 198 -7.48 -12.81 -8.01
CA VAL A 198 -6.23 -13.01 -7.29
C VAL A 198 -5.75 -11.70 -6.69
N THR A 199 -4.92 -11.81 -5.66
CA THR A 199 -4.40 -10.66 -4.94
C THR A 199 -2.95 -10.91 -4.57
N CYS A 200 -2.06 -10.03 -5.02
CA CYS A 200 -0.65 -10.11 -4.64
C CYS A 200 -0.43 -9.39 -3.31
N ASN A 201 0.47 -9.93 -2.51
CA ASN A 201 0.82 -9.35 -1.21
C ASN A 201 2.29 -8.93 -1.27
N VAL A 202 2.51 -7.65 -1.52
CA VAL A 202 3.86 -7.10 -1.67
C VAL A 202 4.27 -6.51 -0.33
N ALA A 203 5.37 -7.03 0.22
CA ALA A 203 5.90 -6.56 1.51
C ALA A 203 7.23 -5.88 1.28
N HIS A 204 7.36 -4.65 1.79
CA HIS A 204 8.61 -3.90 1.77
C HIS A 204 8.98 -3.59 3.22
N PRO A 205 9.69 -4.49 3.90
CA PRO A 205 9.97 -4.27 5.33
C PRO A 205 10.79 -3.02 5.61
N ALA A 206 11.69 -2.62 4.71
CA ALA A 206 12.55 -1.48 4.98
C ALA A 206 11.74 -0.21 5.24
N THR A 207 10.58 -0.09 4.63
CA THR A 207 9.67 1.02 4.88
C THR A 207 8.45 0.58 5.69
N ASN A 208 8.48 -0.62 6.25
CA ASN A 208 7.39 -1.14 7.06
C ASN A 208 6.08 -1.12 6.27
N THR A 209 6.15 -1.51 5.00
CA THR A 209 5.05 -1.40 4.07
C THR A 209 4.60 -2.78 3.61
N LYS A 210 3.29 -2.94 3.49
CA LYS A 210 2.69 -4.09 2.81
C LYS A 210 1.56 -3.56 1.93
N VAL A 211 1.54 -3.97 0.67
CA VAL A 211 0.54 -3.54 -0.28
C VAL A 211 -0.15 -4.76 -0.86
N ASP A 212 -1.47 -4.73 -0.87
CA ASP A 212 -2.27 -5.77 -1.52
C ASP A 212 -3.01 -5.16 -2.70
N LYS A 213 -2.81 -5.75 -3.88
CA LYS A 213 -3.47 -5.30 -5.10
C LYS A 213 -4.26 -6.47 -5.67
N THR A 214 -5.59 -6.32 -5.71
CA THR A 214 -6.46 -7.31 -6.32
C THR A 214 -6.55 -7.01 -7.81
N VAL A 215 -6.09 -7.94 -8.64
CA VAL A 215 -6.04 -7.75 -10.08
C VAL A 215 -7.08 -8.64 -10.73
N ALA A 216 -7.60 -8.19 -11.87
CA ALA A 216 -8.63 -8.92 -12.60
C ALA A 216 -8.51 -8.56 -14.07
N PRO A 217 -8.83 -9.50 -14.97
CA PRO A 217 -8.70 -9.20 -16.40
C PRO A 217 -9.81 -8.28 -16.89
N SER A 218 -9.40 -7.31 -17.72
CA SER A 218 -10.34 -6.36 -18.30
C SER A 218 -11.22 -5.69 -17.24
N ASP B 1 47.75 -15.46 3.45
CA ASP B 1 46.42 -15.61 2.82
C ASP B 1 46.47 -16.62 1.69
N ILE B 2 45.68 -17.69 1.82
CA ILE B 2 45.55 -18.67 0.74
C ILE B 2 44.66 -18.09 -0.34
N VAL B 3 45.14 -18.13 -1.59
CA VAL B 3 44.37 -17.73 -2.75
C VAL B 3 43.99 -19.01 -3.51
N MET B 4 42.72 -19.09 -3.91
CA MET B 4 42.21 -20.25 -4.64
C MET B 4 41.85 -19.82 -6.05
N THR B 5 42.39 -20.54 -7.04
CA THR B 5 42.16 -20.28 -8.45
C THR B 5 41.21 -21.36 -8.98
N GLN B 6 39.99 -20.97 -9.31
CA GLN B 6 38.96 -21.91 -9.72
C GLN B 6 38.83 -21.93 -11.24
N THR B 7 38.66 -23.13 -11.80
CA THR B 7 38.47 -23.31 -13.23
C THR B 7 37.47 -24.43 -13.48
N PRO B 8 36.57 -24.27 -14.46
CA PRO B 8 36.36 -23.06 -15.27
C PRO B 8 35.43 -22.07 -14.56
N ALA B 9 35.31 -20.85 -15.09
CA ALA B 9 34.40 -19.88 -14.51
C ALA B 9 32.95 -20.22 -14.83
N SER B 10 32.69 -20.98 -15.89
CA SER B 10 31.35 -21.38 -16.25
C SER B 10 31.43 -22.60 -17.15
N VAL B 11 30.45 -23.49 -17.02
CA VAL B 11 30.41 -24.71 -17.81
C VAL B 11 28.96 -25.06 -18.09
N GLU B 12 28.73 -25.68 -19.24
CA GLU B 12 27.40 -26.19 -19.61
C GLU B 12 27.53 -27.65 -19.98
N ALA B 13 26.66 -28.48 -19.42
CA ALA B 13 26.71 -29.91 -19.65
C ALA B 13 25.30 -30.48 -19.74
N ALA B 14 25.14 -31.51 -20.55
CA ALA B 14 23.84 -32.13 -20.75
C ALA B 14 23.41 -32.89 -19.50
N VAL B 15 22.10 -33.08 -19.37
CA VAL B 15 21.56 -33.87 -18.28
C VAL B 15 22.20 -35.25 -18.28
N GLY B 16 22.61 -35.71 -17.10
CA GLY B 16 23.30 -36.97 -16.98
C GLY B 16 24.78 -36.92 -17.33
N GLY B 17 25.28 -35.77 -17.77
CA GLY B 17 26.70 -35.64 -18.05
C GLY B 17 27.50 -35.52 -16.77
N THR B 18 28.80 -35.26 -16.96
CA THR B 18 29.74 -35.13 -15.85
C THR B 18 30.40 -33.76 -15.91
N VAL B 19 30.34 -33.04 -14.78
CA VAL B 19 30.97 -31.73 -14.65
C VAL B 19 32.19 -31.89 -13.76
N THR B 20 33.32 -31.35 -14.21
CA THR B 20 34.58 -31.42 -13.47
C THR B 20 35.05 -30.01 -13.20
N ILE B 21 35.11 -29.64 -11.92
CA ILE B 21 35.52 -28.32 -11.47
C ILE B 21 36.78 -28.50 -10.62
N LYS B 22 37.73 -27.58 -10.77
CA LYS B 22 38.99 -27.69 -10.05
C LYS B 22 39.37 -26.36 -9.44
N CYS B 23 40.09 -26.44 -8.32
CA CYS B 23 40.64 -25.26 -7.64
C CYS B 23 42.11 -25.49 -7.36
N GLN B 24 42.85 -24.39 -7.33
CA GLN B 24 44.30 -24.40 -7.13
C GLN B 24 44.63 -23.49 -5.95
N ALA B 25 45.18 -24.08 -4.90
CA ALA B 25 45.63 -23.30 -3.75
C ALA B 25 47.02 -22.74 -4.03
N SER B 26 47.27 -21.52 -3.54
CA SER B 26 48.53 -20.85 -3.78
C SER B 26 49.70 -21.52 -3.05
N GLN B 27 49.42 -22.30 -2.01
CA GLN B 27 50.44 -23.12 -1.37
C GLN B 27 49.76 -24.33 -0.76
N ARG B 28 50.55 -25.35 -0.46
CA ARG B 28 50.01 -26.64 -0.06
C ARG B 28 49.23 -26.53 1.24
N ILE B 29 48.00 -27.07 1.23
CA ILE B 29 47.13 -27.03 2.39
C ILE B 29 46.55 -28.41 2.66
N GLY B 30 47.25 -29.44 2.18
CA GLY B 30 46.83 -30.80 2.46
C GLY B 30 45.42 -31.07 1.95
N SER B 31 44.56 -31.57 2.84
CA SER B 31 43.21 -31.97 2.50
C SER B 31 42.17 -30.94 2.97
N HIS B 32 42.60 -29.71 3.26
CA HIS B 32 41.73 -28.72 3.90
C HIS B 32 41.07 -27.86 2.82
N VAL B 33 40.04 -28.42 2.19
CA VAL B 33 39.27 -27.71 1.19
C VAL B 33 37.81 -28.11 1.32
N SER B 34 36.91 -27.13 1.30
CA SER B 34 35.48 -27.36 1.28
C SER B 34 34.91 -26.89 -0.06
N TRP B 35 33.83 -27.53 -0.48
CA TRP B 35 33.10 -27.16 -1.68
C TRP B 35 31.67 -26.78 -1.31
N TYR B 36 31.17 -25.72 -1.93
CA TYR B 36 29.85 -25.19 -1.63
C TYR B 36 29.02 -25.10 -2.90
N GLN B 37 27.71 -25.20 -2.73
CA GLN B 37 26.73 -24.98 -3.79
C GLN B 37 25.83 -23.81 -3.39
N GLN B 38 25.57 -22.92 -4.35
CA GLN B 38 24.71 -21.77 -4.08
C GLN B 38 23.79 -21.52 -5.27
N LYS B 39 22.51 -21.36 -4.98
CA LYS B 39 21.52 -20.97 -5.96
C LYS B 39 21.07 -19.53 -5.71
N PRO B 40 20.56 -18.84 -6.73
CA PRO B 40 20.18 -17.44 -6.54
C PRO B 40 19.18 -17.27 -5.41
N GLY B 41 19.42 -16.25 -4.58
CA GLY B 41 18.55 -15.93 -3.47
C GLY B 41 18.71 -16.78 -2.25
N GLN B 42 19.59 -17.79 -2.28
CA GLN B 42 19.77 -18.71 -1.17
C GLN B 42 21.16 -18.54 -0.57
N ARG B 43 21.32 -19.03 0.65
CA ARG B 43 22.63 -19.01 1.30
C ARG B 43 23.47 -20.17 0.78
N PRO B 44 24.79 -20.06 0.88
CA PRO B 44 25.65 -21.18 0.46
C PRO B 44 25.28 -22.46 1.18
N LYS B 45 25.51 -23.58 0.51
CA LYS B 45 25.21 -24.91 1.01
C LYS B 45 26.45 -25.78 0.89
N LEU B 46 26.88 -26.36 2.01
CA LEU B 46 28.10 -27.16 2.03
C LEU B 46 27.86 -28.53 1.40
N LEU B 47 28.70 -28.88 0.43
CA LEU B 47 28.67 -30.19 -0.22
C LEU B 47 29.80 -31.10 0.27
N ILE B 48 31.04 -30.63 0.18
CA ILE B 48 32.21 -31.42 0.50
C ILE B 48 33.08 -30.64 1.47
N TYR B 49 33.60 -31.31 2.48
CA TYR B 49 34.59 -30.73 3.38
C TYR B 49 35.72 -31.72 3.56
N GLY B 50 36.89 -31.21 3.95
CA GLY B 50 38.07 -32.06 3.98
C GLY B 50 38.42 -32.65 2.64
N ALA B 51 38.17 -31.89 1.56
CA ALA B 51 38.55 -32.25 0.20
C ALA B 51 37.66 -33.34 -0.39
N SER B 52 37.23 -34.32 0.41
CA SER B 52 36.49 -35.44 -0.18
C SER B 52 35.40 -36.02 0.73
N ASN B 53 35.03 -35.38 1.83
CA ASN B 53 33.99 -35.89 2.71
C ASN B 53 32.65 -35.27 2.33
N LEU B 54 31.67 -36.13 2.01
CA LEU B 54 30.33 -35.66 1.69
C LEU B 54 29.59 -35.23 2.94
N GLU B 55 29.03 -34.01 2.90
CA GLU B 55 28.14 -33.58 3.97
C GLU B 55 26.90 -34.46 4.01
N SER B 56 26.39 -34.68 5.21
CA SER B 56 25.24 -35.58 5.39
C SER B 56 24.04 -35.06 4.61
N GLY B 57 23.40 -35.95 3.86
CA GLY B 57 22.24 -35.61 3.06
C GLY B 57 22.54 -35.08 1.68
N VAL B 58 23.82 -34.97 1.31
CA VAL B 58 24.21 -34.49 -0.01
C VAL B 58 24.26 -35.69 -0.96
N PRO B 59 23.71 -35.60 -2.16
CA PRO B 59 23.68 -36.78 -3.05
C PRO B 59 25.07 -37.33 -3.33
N SER B 60 25.12 -38.65 -3.52
CA SER B 60 26.38 -39.33 -3.77
C SER B 60 27.00 -39.00 -5.12
N ARG B 61 26.25 -38.33 -6.01
CA ARG B 61 26.82 -37.98 -7.31
C ARG B 61 27.81 -36.84 -7.22
N PHE B 62 27.90 -36.17 -6.08
CA PHE B 62 28.95 -35.20 -5.82
C PHE B 62 30.15 -35.92 -5.19
N SER B 63 31.35 -35.62 -5.70
CA SER B 63 32.56 -36.20 -5.14
C SER B 63 33.69 -35.20 -5.27
N GLY B 64 34.52 -35.11 -4.24
CA GLY B 64 35.68 -34.24 -4.25
C GLY B 64 36.95 -35.05 -4.14
N SER B 65 38.02 -34.55 -4.76
CA SER B 65 39.31 -35.22 -4.79
C SER B 65 40.42 -34.18 -4.73
N GLY B 66 41.56 -34.59 -4.18
CA GLY B 66 42.74 -33.74 -4.15
C GLY B 66 43.36 -33.64 -2.77
N SER B 67 44.66 -33.36 -2.74
CA SER B 67 45.37 -33.17 -1.48
C SER B 67 46.67 -32.44 -1.79
N GLY B 68 46.80 -31.22 -1.29
CA GLY B 68 47.98 -30.43 -1.52
C GLY B 68 47.69 -29.10 -2.19
N THR B 69 47.75 -29.07 -3.52
CA THR B 69 47.59 -27.84 -4.29
C THR B 69 46.39 -27.86 -5.23
N GLN B 70 46.08 -29.01 -5.84
CA GLN B 70 45.05 -29.10 -6.85
C GLN B 70 43.89 -29.94 -6.32
N PHE B 71 42.69 -29.39 -6.37
CA PHE B 71 41.50 -30.03 -5.83
C PHE B 71 40.42 -30.07 -6.91
N THR B 72 39.64 -31.14 -6.90
CA THR B 72 38.69 -31.42 -7.99
C THR B 72 37.32 -31.75 -7.41
N LEU B 73 36.31 -31.05 -7.91
CA LEU B 73 34.91 -31.39 -7.66
C LEU B 73 34.34 -32.05 -8.92
N THR B 74 33.70 -33.19 -8.74
CA THR B 74 33.09 -33.92 -9.84
C THR B 74 31.60 -34.06 -9.59
N ILE B 75 30.80 -33.66 -10.57
CA ILE B 75 29.35 -33.83 -10.55
C ILE B 75 28.99 -34.77 -11.69
N SER B 76 28.60 -35.99 -11.36
CA SER B 76 28.19 -36.97 -12.35
C SER B 76 26.67 -37.10 -12.34
N ASP B 77 26.15 -37.70 -13.41
CA ASP B 77 24.71 -37.87 -13.56
C ASP B 77 23.99 -36.54 -13.35
N LEU B 78 24.52 -35.51 -14.01
CA LEU B 78 24.09 -34.13 -13.76
C LEU B 78 22.57 -34.00 -13.90
N GLU B 79 21.95 -33.39 -12.89
CA GLU B 79 20.52 -33.16 -12.86
C GLU B 79 20.23 -31.67 -13.04
N CYS B 80 18.99 -31.37 -13.43
CA CYS B 80 18.55 -29.98 -13.48
C CYS B 80 18.63 -29.32 -12.12
N ALA B 81 18.42 -30.09 -11.05
CA ALA B 81 18.53 -29.56 -9.69
C ALA B 81 19.96 -29.15 -9.33
N ASP B 82 20.95 -29.51 -10.15
CA ASP B 82 22.34 -29.14 -9.91
C ASP B 82 22.72 -27.82 -10.57
N ALA B 83 21.80 -27.17 -11.28
CA ALA B 83 22.05 -25.86 -11.84
C ALA B 83 22.31 -24.86 -10.72
N ALA B 84 23.54 -24.39 -10.59
CA ALA B 84 23.92 -23.50 -9.50
C ALA B 84 25.34 -23.00 -9.77
N THR B 85 25.85 -22.22 -8.82
CA THR B 85 27.24 -21.81 -8.80
C THR B 85 27.94 -22.56 -7.66
N TYR B 86 29.14 -23.06 -7.95
CA TYR B 86 29.90 -23.88 -7.01
C TYR B 86 31.19 -23.17 -6.63
N TYR B 87 31.49 -23.13 -5.33
CA TYR B 87 32.66 -22.47 -4.80
C TYR B 87 33.50 -23.45 -4.00
N CYS B 88 34.81 -23.36 -4.17
CA CYS B 88 35.75 -24.01 -3.27
C CYS B 88 36.21 -23.00 -2.22
N GLN B 89 36.72 -23.53 -1.11
CA GLN B 89 37.19 -22.70 -0.01
C GLN B 89 38.36 -23.39 0.68
N ALA B 90 39.46 -22.66 0.85
CA ALA B 90 40.56 -23.15 1.65
C ALA B 90 40.18 -23.13 3.13
N THR B 91 40.46 -24.21 3.84
CA THR B 91 40.18 -24.30 5.27
C THR B 91 41.47 -24.58 6.05
N TYR B 92 42.57 -23.96 5.63
CA TYR B 92 43.81 -23.98 6.41
C TYR B 92 44.75 -22.93 5.87
N ASP B 93 45.45 -22.25 6.78
CA ASP B 93 46.47 -21.26 6.42
C ASP B 93 47.77 -21.63 7.13
N PRO B 94 48.80 -22.08 6.41
CA PRO B 94 50.06 -22.44 7.09
C PRO B 94 50.69 -21.28 7.84
N TYR B 95 50.45 -20.04 7.41
CA TYR B 95 51.08 -18.90 8.07
C TYR B 95 50.50 -18.69 9.47
N THR B 96 49.18 -18.72 9.59
CA THR B 96 48.53 -18.58 10.88
C THR B 96 48.32 -19.91 11.59
N GLY B 97 48.45 -21.03 10.86
CA GLY B 97 48.25 -22.34 11.45
C GLY B 97 46.82 -22.65 11.83
N GLY B 98 45.87 -21.79 11.47
CA GLY B 98 44.48 -22.02 11.81
C GLY B 98 43.76 -22.79 10.72
N SER B 99 42.84 -23.65 11.14
CA SER B 99 42.05 -24.49 10.24
C SER B 99 40.66 -23.93 9.99
N TYR B 100 40.51 -22.61 10.10
CA TYR B 100 39.25 -21.95 9.80
C TYR B 100 39.03 -21.87 8.29
N GLY B 101 37.77 -21.70 7.91
CA GLY B 101 37.45 -21.48 6.50
C GLY B 101 37.84 -20.08 6.07
N ALA B 102 38.63 -19.99 5.00
CA ALA B 102 39.17 -18.70 4.57
C ALA B 102 38.73 -18.34 3.16
N GLY B 103 39.68 -18.03 2.28
CA GLY B 103 39.33 -17.48 0.98
C GLY B 103 38.60 -18.47 0.09
N PHE B 104 37.73 -17.92 -0.75
CA PHE B 104 36.93 -18.67 -1.70
C PHE B 104 37.50 -18.55 -3.11
N GLY B 105 37.31 -19.60 -3.90
CA GLY B 105 37.57 -19.51 -5.32
C GLY B 105 36.56 -18.61 -6.02
N GLY B 106 36.86 -18.31 -7.29
CA GLY B 106 36.02 -17.39 -8.04
C GLY B 106 34.61 -17.91 -8.27
N GLY B 107 34.45 -19.22 -8.28
CA GLY B 107 33.16 -19.83 -8.52
C GLY B 107 33.03 -20.37 -9.94
N THR B 108 32.14 -21.35 -10.10
CA THR B 108 31.87 -21.96 -11.39
C THR B 108 30.36 -22.04 -11.59
N ALA B 109 29.86 -21.27 -12.55
CA ALA B 109 28.44 -21.31 -12.89
C ALA B 109 28.16 -22.52 -13.77
N VAL B 110 27.32 -23.43 -13.29
CA VAL B 110 26.98 -24.65 -14.00
C VAL B 110 25.59 -24.48 -14.62
N VAL B 111 25.51 -24.63 -15.93
CA VAL B 111 24.25 -24.61 -16.67
C VAL B 111 23.97 -26.03 -17.14
N VAL B 112 22.79 -26.54 -16.81
CA VAL B 112 22.40 -27.91 -17.15
C VAL B 112 21.57 -27.85 -18.42
N LYS B 113 22.06 -28.48 -19.49
CA LYS B 113 21.37 -28.47 -20.77
C LYS B 113 20.30 -29.53 -20.76
N GLY B 114 19.04 -29.11 -20.56
CA GLY B 114 17.91 -30.02 -20.61
C GLY B 114 17.29 -30.05 -21.99
N ASP B 115 16.08 -30.62 -22.05
CA ASP B 115 15.40 -30.75 -23.32
C ASP B 115 14.89 -29.39 -23.79
N PRO B 116 14.99 -29.08 -25.08
CA PRO B 116 14.59 -27.75 -25.55
C PRO B 116 13.08 -27.54 -25.46
N VAL B 117 12.71 -26.34 -25.02
CA VAL B 117 11.31 -25.92 -24.95
C VAL B 117 11.22 -24.49 -25.46
N ALA B 118 10.36 -24.27 -26.45
CA ALA B 118 10.17 -22.93 -26.96
C ALA B 118 9.30 -22.13 -25.99
N PRO B 119 9.53 -20.82 -25.88
CA PRO B 119 8.77 -20.03 -24.91
C PRO B 119 7.37 -19.69 -25.39
N SER B 120 6.48 -19.51 -24.42
CA SER B 120 5.24 -18.78 -24.61
C SER B 120 5.46 -17.36 -24.08
N VAL B 121 4.85 -16.39 -24.76
CA VAL B 121 5.12 -14.97 -24.48
C VAL B 121 3.82 -14.28 -24.14
N LEU B 122 3.89 -13.36 -23.17
CA LEU B 122 2.77 -12.52 -22.77
C LEU B 122 3.25 -11.09 -22.65
N ILE B 123 2.43 -10.15 -23.09
CA ILE B 123 2.72 -8.73 -22.97
C ILE B 123 1.63 -8.10 -22.10
N PHE B 124 2.03 -7.23 -21.19
CA PHE B 124 1.10 -6.61 -20.24
C PHE B 124 1.11 -5.10 -20.42
N PRO B 125 0.06 -4.51 -20.98
CA PRO B 125 0.03 -3.05 -21.12
C PRO B 125 -0.04 -2.38 -19.76
N PRO B 126 0.39 -1.12 -19.66
CA PRO B 126 0.45 -0.47 -18.34
C PRO B 126 -0.93 -0.24 -17.77
N ALA B 127 -1.06 -0.49 -16.46
CA ALA B 127 -2.29 -0.20 -15.76
C ALA B 127 -2.67 1.27 -15.94
N ALA B 128 -3.97 1.55 -15.79
CA ALA B 128 -4.45 2.90 -16.07
C ALA B 128 -3.81 3.93 -15.15
N ASP B 129 -3.56 3.58 -13.89
CA ASP B 129 -3.01 4.52 -12.94
C ASP B 129 -1.51 4.77 -13.11
N GLN B 130 -0.87 4.11 -14.08
CA GLN B 130 0.57 4.30 -14.29
C GLN B 130 0.87 5.62 -14.98
N VAL B 131 0.10 5.98 -16.01
CA VAL B 131 0.48 7.08 -16.88
C VAL B 131 0.43 8.42 -16.15
N ALA B 132 -0.36 8.52 -15.08
CA ALA B 132 -0.44 9.77 -14.34
C ALA B 132 0.84 10.06 -13.57
N THR B 133 1.68 9.06 -13.34
CA THR B 133 2.88 9.25 -12.53
C THR B 133 4.05 9.85 -13.31
N GLY B 134 3.92 10.03 -14.62
CA GLY B 134 4.98 10.55 -15.45
C GLY B 134 5.76 9.51 -16.23
N THR B 135 5.68 8.24 -15.82
CA THR B 135 6.34 7.15 -16.51
C THR B 135 5.40 5.97 -16.60
N VAL B 136 5.63 5.12 -17.61
CA VAL B 136 4.90 3.88 -17.76
C VAL B 136 5.89 2.75 -17.99
N THR B 137 5.53 1.57 -17.51
CA THR B 137 6.38 0.38 -17.63
C THR B 137 5.56 -0.74 -18.26
N ILE B 138 6.00 -1.21 -19.42
CA ILE B 138 5.35 -2.30 -20.13
C ILE B 138 6.10 -3.58 -19.81
N VAL B 139 5.38 -4.60 -19.36
CA VAL B 139 5.98 -5.88 -18.98
C VAL B 139 5.76 -6.90 -20.07
N CYS B 140 6.80 -7.66 -20.37
CA CYS B 140 6.73 -8.78 -21.31
C CYS B 140 7.40 -9.98 -20.65
N VAL B 141 6.72 -11.12 -20.68
CA VAL B 141 7.16 -12.34 -20.00
C VAL B 141 7.32 -13.45 -21.01
N ALA B 142 8.44 -14.16 -20.93
CA ALA B 142 8.67 -15.39 -21.67
C ALA B 142 8.76 -16.53 -20.66
N ASN B 143 7.84 -17.48 -20.74
CA ASN B 143 7.67 -18.50 -19.71
C ASN B 143 8.20 -19.85 -20.16
N LYS B 144 8.94 -20.50 -19.27
CA LYS B 144 9.25 -21.93 -19.39
C LYS B 144 9.90 -22.26 -20.73
N TYR B 145 11.20 -22.00 -20.85
CA TYR B 145 11.87 -22.18 -22.12
C TYR B 145 13.31 -22.62 -21.89
N PHE B 146 13.90 -23.17 -22.94
CA PHE B 146 15.31 -23.52 -23.01
C PHE B 146 15.66 -23.84 -24.45
N PRO B 147 16.81 -23.36 -24.97
CA PRO B 147 17.85 -22.56 -24.32
C PRO B 147 17.51 -21.07 -24.22
N ASP B 148 18.50 -20.26 -23.89
CA ASP B 148 18.29 -18.82 -23.69
C ASP B 148 17.60 -18.17 -24.88
N VAL B 149 17.00 -17.01 -24.66
CA VAL B 149 16.32 -16.25 -25.69
C VAL B 149 16.88 -14.83 -25.69
N THR B 150 16.53 -14.07 -26.72
CA THR B 150 16.85 -12.65 -26.80
C THR B 150 15.56 -11.90 -27.08
N VAL B 151 15.38 -10.77 -26.38
CA VAL B 151 14.16 -9.99 -26.46
C VAL B 151 14.42 -8.74 -27.28
N THR B 152 13.42 -8.33 -28.05
CA THR B 152 13.48 -7.12 -28.85
C THR B 152 12.18 -6.35 -28.68
N TRP B 153 12.30 -5.08 -28.30
CA TRP B 153 11.15 -4.19 -28.18
C TRP B 153 11.06 -3.31 -29.40
N GLU B 154 9.84 -3.02 -29.84
CA GLU B 154 9.58 -2.14 -30.97
C GLU B 154 8.39 -1.26 -30.66
N VAL B 155 8.49 0.01 -31.04
CA VAL B 155 7.44 1.00 -30.81
C VAL B 155 7.13 1.64 -32.15
N ASP B 156 5.97 1.32 -32.71
CA ASP B 156 5.60 1.78 -34.05
C ASP B 156 6.67 1.40 -35.07
N GLY B 157 7.17 0.16 -34.95
CA GLY B 157 8.13 -0.37 -35.89
C GLY B 157 9.56 0.08 -35.66
N THR B 158 9.83 0.87 -34.63
CA THR B 158 11.17 1.35 -34.34
C THR B 158 11.74 0.56 -33.17
N THR B 159 12.88 -0.09 -33.41
CA THR B 159 13.52 -0.88 -32.37
C THR B 159 13.92 0.02 -31.20
N GLN B 160 13.67 -0.46 -29.98
CA GLN B 160 14.00 0.27 -28.78
C GLN B 160 15.41 -0.08 -28.33
N THR B 161 16.22 0.95 -28.07
CA THR B 161 17.59 0.76 -27.61
C THR B 161 17.77 1.03 -26.12
N THR B 162 16.81 1.70 -25.48
CA THR B 162 16.96 2.11 -24.10
C THR B 162 15.65 1.92 -23.34
N GLY B 163 15.74 2.03 -22.02
CA GLY B 163 14.59 1.82 -21.16
C GLY B 163 14.24 0.37 -20.92
N ILE B 164 15.15 -0.55 -21.18
CA ILE B 164 14.88 -1.98 -21.14
C ILE B 164 15.64 -2.60 -19.98
N GLU B 165 14.94 -3.40 -19.17
CA GLU B 165 15.54 -4.13 -18.07
C GLU B 165 15.05 -5.57 -18.14
N ASN B 166 15.98 -6.52 -18.08
CA ASN B 166 15.65 -7.93 -18.15
C ASN B 166 16.06 -8.63 -16.87
N SER B 167 15.25 -9.60 -16.45
CA SER B 167 15.56 -10.45 -15.32
C SER B 167 15.15 -11.87 -15.64
N LYS B 168 16.07 -12.81 -15.47
CA LYS B 168 15.85 -14.21 -15.76
C LYS B 168 15.83 -14.99 -14.45
N THR B 169 14.88 -15.91 -14.33
CA THR B 169 14.83 -16.77 -13.15
C THR B 169 15.91 -17.84 -13.25
N PRO B 170 16.30 -18.42 -12.13
CA PRO B 170 17.24 -19.55 -12.18
C PRO B 170 16.61 -20.74 -12.89
N GLN B 171 17.48 -21.63 -13.38
CA GLN B 171 17.02 -22.83 -14.05
C GLN B 171 16.10 -23.62 -13.13
N ASN B 172 14.93 -23.98 -13.64
CA ASN B 172 13.99 -24.78 -12.87
C ASN B 172 14.64 -26.10 -12.48
N SER B 173 14.59 -26.44 -11.19
CA SER B 173 15.25 -27.63 -10.70
C SER B 173 14.62 -28.93 -11.20
N ALA B 174 13.48 -28.86 -11.89
CA ALA B 174 12.82 -30.05 -12.41
C ALA B 174 13.07 -30.26 -13.90
N ASP B 175 12.91 -29.22 -14.72
CA ASP B 175 13.00 -29.38 -16.17
C ASP B 175 14.01 -28.44 -16.82
N CYS B 176 14.87 -27.77 -16.05
CA CYS B 176 15.98 -26.96 -16.54
C CYS B 176 15.55 -25.68 -17.26
N THR B 177 14.25 -25.36 -17.27
CA THR B 177 13.79 -24.24 -18.08
C THR B 177 14.01 -22.91 -17.36
N TYR B 178 14.03 -21.84 -18.15
CA TYR B 178 14.12 -20.47 -17.66
C TYR B 178 12.77 -19.78 -17.77
N ASN B 179 12.64 -18.67 -17.05
CA ASN B 179 11.56 -17.71 -17.25
C ASN B 179 12.18 -16.32 -17.27
N LEU B 180 11.69 -15.47 -18.16
CA LEU B 180 12.26 -14.14 -18.34
C LEU B 180 11.17 -13.09 -18.29
N SER B 181 11.47 -11.96 -17.64
CA SER B 181 10.63 -10.78 -17.68
C SER B 181 11.43 -9.64 -18.29
N SER B 182 10.82 -8.96 -19.26
CA SER B 182 11.43 -7.81 -19.92
C SER B 182 10.49 -6.62 -19.77
N THR B 183 11.00 -5.53 -19.22
CA THR B 183 10.22 -4.33 -19.00
C THR B 183 10.76 -3.19 -19.85
N LEU B 184 9.86 -2.43 -20.45
CA LEU B 184 10.19 -1.26 -21.26
C LEU B 184 9.59 -0.05 -20.58
N THR B 185 10.44 0.88 -20.16
CA THR B 185 10.02 2.07 -19.45
C THR B 185 10.11 3.28 -20.38
N LEU B 186 9.02 4.02 -20.49
CA LEU B 186 8.97 5.24 -21.25
C LEU B 186 8.32 6.33 -20.40
N THR B 187 8.53 7.58 -20.80
CA THR B 187 7.79 8.67 -20.19
C THR B 187 6.34 8.61 -20.65
N SER B 188 5.45 9.21 -19.85
CA SER B 188 4.05 9.28 -20.22
C SER B 188 3.87 9.99 -21.56
N THR B 189 4.70 11.00 -21.84
CA THR B 189 4.61 11.70 -23.11
C THR B 189 5.03 10.79 -24.26
N GLN B 190 6.16 10.11 -24.12
CA GLN B 190 6.60 9.18 -25.16
C GLN B 190 5.56 8.09 -25.38
N TYR B 191 4.98 7.57 -24.30
CA TYR B 191 4.03 6.46 -24.43
C TYR B 191 2.78 6.89 -25.19
N ASN B 192 2.23 8.05 -24.84
CA ASN B 192 1.04 8.54 -25.53
C ASN B 192 1.35 8.99 -26.95
N SER B 193 2.62 9.21 -27.29
CA SER B 193 3.02 9.63 -28.62
C SER B 193 3.16 8.47 -29.60
N HIS B 194 2.78 7.27 -29.20
CA HIS B 194 2.93 6.09 -30.04
C HIS B 194 1.76 5.16 -29.79
N LYS B 195 1.51 4.28 -30.76
CA LYS B 195 0.34 3.41 -30.75
C LYS B 195 0.69 1.94 -30.57
N GLU B 196 1.62 1.42 -31.36
CA GLU B 196 1.93 0.00 -31.39
C GLU B 196 3.13 -0.30 -30.51
N TYR B 197 3.00 -1.31 -29.66
CA TYR B 197 4.08 -1.76 -28.79
C TYR B 197 4.25 -3.26 -28.95
N THR B 198 5.48 -3.69 -29.21
CA THR B 198 5.76 -5.06 -29.63
C THR B 198 6.89 -5.64 -28.80
N CYS B 199 6.67 -6.84 -28.26
CA CYS B 199 7.71 -7.62 -27.62
C CYS B 199 8.00 -8.83 -28.50
N LYS B 200 9.29 -9.05 -28.79
CA LYS B 200 9.72 -10.10 -29.71
C LYS B 200 10.78 -10.94 -29.02
N VAL B 201 10.46 -12.21 -28.76
CA VAL B 201 11.35 -13.14 -28.07
C VAL B 201 11.86 -14.16 -29.09
N THR B 202 13.18 -14.20 -29.27
CA THR B 202 13.81 -15.03 -30.28
C THR B 202 14.63 -16.13 -29.63
N GLN B 203 14.35 -17.38 -30.00
CA GLN B 203 15.09 -18.55 -29.54
C GLN B 203 15.67 -19.23 -30.78
N GLY B 204 16.86 -18.82 -31.18
CA GLY B 204 17.46 -19.35 -32.39
C GLY B 204 16.72 -18.92 -33.63
N THR B 205 16.17 -19.88 -34.36
CA THR B 205 15.43 -19.61 -35.59
C THR B 205 13.93 -19.47 -35.34
N THR B 206 13.51 -19.38 -34.09
CA THR B 206 12.11 -19.24 -33.72
C THR B 206 11.91 -17.90 -33.02
N SER B 207 10.76 -17.27 -33.28
CA SER B 207 10.40 -16.04 -32.61
C SER B 207 8.92 -16.07 -32.26
N VAL B 208 8.58 -15.54 -31.10
CA VAL B 208 7.20 -15.36 -30.67
C VAL B 208 7.01 -13.87 -30.38
N VAL B 209 6.10 -13.24 -31.11
CA VAL B 209 5.87 -11.80 -31.04
C VAL B 209 4.55 -11.56 -30.34
N GLN B 210 4.53 -10.59 -29.42
CA GLN B 210 3.34 -10.24 -28.67
C GLN B 210 3.20 -8.73 -28.69
N SER B 211 2.14 -8.23 -29.30
CA SER B 211 1.92 -6.80 -29.47
C SER B 211 0.61 -6.38 -28.84
N PHE B 212 0.47 -5.07 -28.63
CA PHE B 212 -0.80 -4.48 -28.26
C PHE B 212 -0.82 -3.05 -28.79
N ASN B 213 -2.03 -2.55 -29.04
CA ASN B 213 -2.24 -1.19 -29.53
C ASN B 213 -2.77 -0.36 -28.37
N ARG B 214 -2.08 0.75 -28.06
CA ARG B 214 -2.38 1.51 -26.86
C ARG B 214 -3.85 1.90 -26.79
N GLY B 215 -4.46 2.20 -27.93
CA GLY B 215 -5.85 2.62 -27.94
C GLY B 215 -6.82 1.52 -27.58
N ASP B 216 -6.42 0.26 -27.80
CA ASP B 216 -7.32 -0.87 -27.60
C ASP B 216 -7.25 -1.48 -26.20
N CYS B 217 -6.46 -0.91 -25.30
CA CYS B 217 -6.31 -1.47 -23.96
C CYS B 217 -6.69 -0.47 -22.88
N PCA C 1 -34.11 -3.80 2.44
CA PCA C 1 -33.65 -2.42 2.51
CB PCA C 1 -32.35 -2.31 3.29
CG PCA C 1 -31.88 -3.74 3.54
CD PCA C 1 -33.03 -4.56 3.06
OE PCA C 1 -33.05 -5.78 3.18
C PCA C 1 -33.45 -1.84 1.11
O PCA C 1 -33.76 -2.49 0.11
HA PCA C 1 -34.32 -1.89 2.98
HB2 PCA C 1 -31.68 -1.81 2.78
HB3 PCA C 1 -32.50 -1.84 4.13
HG2 PCA C 1 -31.05 -3.93 3.04
HG3 PCA C 1 -31.70 -3.88 4.50
N LEU C 2 -32.94 -0.62 1.05
CA LEU C 2 -32.66 0.05 -0.22
C LEU C 2 -31.17 0.13 -0.48
N VAL C 3 -30.76 -0.04 -1.74
CA VAL C 3 -29.36 0.02 -2.12
C VAL C 3 -29.24 0.83 -3.41
N GLU C 4 -28.52 1.94 -3.35
CA GLU C 4 -28.18 2.67 -4.56
C GLU C 4 -26.94 2.08 -5.21
N SER C 5 -26.90 2.10 -6.54
CA SER C 5 -25.74 1.61 -7.28
C SER C 5 -25.60 2.41 -8.57
N GLY C 6 -24.46 2.24 -9.22
CA GLY C 6 -24.18 2.89 -10.48
C GLY C 6 -23.38 4.18 -10.38
N GLY C 7 -22.95 4.56 -9.19
CA GLY C 7 -22.18 5.77 -8.99
C GLY C 7 -20.69 5.52 -9.13
N GLY C 8 -19.90 6.49 -8.65
CA GLY C 8 -18.46 6.40 -8.66
C GLY C 8 -17.86 7.62 -9.32
N LEU C 9 -16.66 7.45 -9.85
CA LEU C 9 -15.91 8.51 -10.50
C LEU C 9 -16.24 8.52 -11.99
N VAL C 10 -16.76 9.65 -12.48
CA VAL C 10 -17.10 9.80 -13.89
C VAL C 10 -16.62 11.16 -14.37
N LYS C 11 -16.37 11.25 -15.68
CA LYS C 11 -15.87 12.47 -16.28
C LYS C 11 -17.02 13.44 -16.57
N PRO C 12 -16.75 14.74 -16.58
CA PRO C 12 -17.81 15.70 -16.89
C PRO C 12 -18.39 15.46 -18.27
N GLY C 13 -19.68 15.78 -18.42
CA GLY C 13 -20.37 15.62 -19.67
C GLY C 13 -20.94 14.24 -19.92
N THR C 14 -20.61 13.25 -19.10
CA THR C 14 -21.13 11.91 -19.26
C THR C 14 -22.51 11.80 -18.61
N SER C 15 -23.13 10.64 -18.77
CA SER C 15 -24.50 10.41 -18.32
C SER C 15 -24.51 9.66 -16.99
N LEU C 16 -25.40 10.08 -16.10
CA LEU C 16 -25.63 9.42 -14.83
C LEU C 16 -26.75 8.40 -14.98
N SER C 17 -26.56 7.20 -14.41
CA SER C 17 -27.62 6.19 -14.42
C SER C 17 -27.52 5.42 -13.10
N LEU C 18 -28.12 5.98 -12.06
CA LEU C 18 -28.17 5.35 -10.75
C LEU C 18 -29.41 4.48 -10.64
N THR C 19 -29.31 3.44 -9.82
CA THR C 19 -30.40 2.49 -9.61
C THR C 19 -30.66 2.33 -8.12
N CYS C 20 -31.94 2.36 -7.74
CA CYS C 20 -32.37 2.13 -6.38
C CYS C 20 -33.08 0.78 -6.35
N LYS C 21 -32.44 -0.21 -5.73
CA LYS C 21 -32.96 -1.57 -5.66
C LYS C 21 -33.50 -1.84 -4.26
N ALA C 22 -34.69 -2.40 -4.18
CA ALA C 22 -35.31 -2.78 -2.93
C ALA C 22 -35.10 -4.26 -2.66
N SER C 23 -34.77 -4.59 -1.42
CA SER C 23 -34.56 -5.97 -1.00
C SER C 23 -35.51 -6.28 0.16
N GLY C 24 -36.16 -7.44 0.10
CA GLY C 24 -37.11 -7.82 1.12
C GLY C 24 -38.53 -7.34 0.87
N PHE C 25 -38.76 -6.59 -0.20
CA PHE C 25 -40.10 -6.10 -0.50
C PHE C 25 -40.11 -5.57 -1.93
N ASP C 26 -41.29 -5.58 -2.52
CA ASP C 26 -41.54 -4.94 -3.81
C ASP C 26 -42.45 -3.73 -3.60
N PHE C 27 -42.77 -3.06 -4.70
CA PHE C 27 -43.52 -1.81 -4.65
C PHE C 27 -45.03 -2.04 -4.69
N SER C 28 -45.50 -3.27 -4.51
CA SER C 28 -46.91 -3.57 -4.72
C SER C 28 -47.80 -2.85 -3.71
N ASP C 29 -47.30 -2.58 -2.51
CA ASP C 29 -48.08 -1.80 -1.55
C ASP C 29 -48.19 -0.34 -1.96
N ASN C 30 -47.35 0.11 -2.91
CA ASN C 30 -47.40 1.44 -3.49
C ASN C 30 -46.83 2.48 -2.54
N TYR C 31 -45.70 3.07 -2.94
CA TYR C 31 -45.01 4.09 -2.18
C TYR C 31 -44.64 5.23 -3.11
N TYR C 32 -44.00 6.25 -2.54
CA TYR C 32 -43.19 7.20 -3.29
C TYR C 32 -41.73 6.81 -3.09
N ILE C 33 -41.03 6.59 -4.20
CA ILE C 33 -39.58 6.45 -4.18
C ILE C 33 -39.01 7.80 -4.60
N CYS C 34 -38.21 8.41 -3.73
CA CYS C 34 -37.72 9.76 -3.94
C CYS C 34 -36.20 9.74 -3.97
N TRP C 35 -35.63 10.71 -4.69
CA TRP C 35 -34.20 10.89 -4.79
C TRP C 35 -33.81 12.21 -4.15
N VAL C 36 -32.86 12.16 -3.22
CA VAL C 36 -32.34 13.33 -2.55
C VAL C 36 -30.82 13.28 -2.62
N ARG C 37 -30.21 14.38 -3.02
CA ARG C 37 -28.76 14.45 -3.12
C ARG C 37 -28.20 15.40 -2.08
N GLN C 38 -26.90 15.27 -1.83
CA GLN C 38 -26.21 16.10 -0.85
C GLN C 38 -24.79 16.32 -1.34
N ALA C 39 -24.51 17.55 -1.77
CA ALA C 39 -23.14 17.90 -2.14
C ALA C 39 -22.26 17.89 -0.89
N PRO C 40 -20.96 17.67 -1.06
CA PRO C 40 -20.06 17.65 0.10
C PRO C 40 -20.19 18.91 0.96
N GLY C 41 -20.53 18.71 2.23
CA GLY C 41 -20.64 19.82 3.17
C GLY C 41 -21.90 20.65 3.04
N LYS C 42 -22.86 20.23 2.23
CA LYS C 42 -24.08 20.99 1.97
C LYS C 42 -25.28 20.26 2.56
N GLY C 43 -26.45 20.89 2.43
CA GLY C 43 -27.67 20.33 2.97
C GLY C 43 -28.35 19.38 2.00
N LEU C 44 -29.44 18.79 2.48
CA LEU C 44 -30.22 17.87 1.65
C LEU C 44 -31.02 18.64 0.61
N GLU C 45 -30.94 18.18 -0.64
CA GLU C 45 -31.64 18.81 -1.76
C GLU C 45 -32.54 17.77 -2.41
N TRP C 46 -33.85 17.98 -2.31
CA TRP C 46 -34.81 17.07 -2.92
C TRP C 46 -34.78 17.19 -4.44
N ILE C 47 -34.72 16.05 -5.12
CA ILE C 47 -34.67 16.02 -6.58
C ILE C 47 -36.08 15.76 -7.11
N GLY C 48 -36.67 14.64 -6.73
CA GLY C 48 -38.01 14.31 -7.17
C GLY C 48 -38.45 12.99 -6.61
N CYS C 49 -39.71 12.66 -6.86
CA CYS C 49 -40.31 11.41 -6.42
C CYS C 49 -41.05 10.76 -7.58
N ILE C 50 -41.28 9.47 -7.45
CA ILE C 50 -42.11 8.72 -8.38
C ILE C 50 -43.07 7.86 -7.57
N PHE C 51 -44.35 7.92 -7.92
CA PHE C 51 -45.38 7.13 -7.28
C PHE C 51 -45.47 5.78 -8.00
N THR C 52 -45.20 4.70 -7.26
CA THR C 52 -45.12 3.38 -7.90
C THR C 52 -46.47 2.89 -8.41
N GLN C 53 -47.57 3.39 -7.85
CA GLN C 53 -48.88 2.92 -8.28
C GLN C 53 -49.16 3.30 -9.73
N ASN C 54 -48.75 4.51 -10.14
CA ASN C 54 -49.05 4.97 -11.49
C ASN C 54 -47.86 5.65 -12.16
N VAL C 55 -46.64 5.43 -11.65
CA VAL C 55 -45.40 6.05 -12.11
C VAL C 55 -45.59 7.54 -12.45
N ARG C 56 -46.52 8.20 -11.79
CA ARG C 56 -46.56 9.66 -11.84
C ARG C 56 -45.29 10.20 -11.20
N THR C 57 -44.76 11.28 -11.76
CA THR C 57 -43.47 11.81 -11.37
C THR C 57 -43.61 13.26 -10.93
N TYR C 58 -42.83 13.64 -9.93
CA TYR C 58 -42.85 15.00 -9.39
C TYR C 58 -41.41 15.42 -9.12
N TYR C 59 -41.01 16.55 -9.69
CA TYR C 59 -39.64 17.03 -9.60
C TYR C 59 -39.59 18.40 -8.95
N ALA C 60 -38.45 18.69 -8.34
CA ALA C 60 -38.18 20.04 -7.88
C ALA C 60 -37.96 20.96 -9.08
N ASN C 61 -38.30 22.24 -8.90
CA ASN C 61 -38.19 23.19 -10.00
C ASN C 61 -36.80 23.16 -10.62
N TRP C 62 -35.76 23.20 -9.78
CA TRP C 62 -34.39 23.24 -10.29
C TRP C 62 -33.98 21.99 -11.04
N ALA C 63 -34.69 20.88 -10.83
CA ALA C 63 -34.31 19.60 -11.43
C ALA C 63 -35.11 19.27 -12.69
N LYS C 64 -36.21 19.96 -12.94
CA LYS C 64 -37.05 19.66 -14.10
C LYS C 64 -36.25 19.82 -15.39
N GLY C 65 -36.29 18.79 -16.24
CA GLY C 65 -35.58 18.79 -17.49
C GLY C 65 -34.13 18.32 -17.40
N ARG C 66 -33.63 18.09 -16.19
CA ARG C 66 -32.25 17.68 -15.99
C ARG C 66 -32.11 16.31 -15.32
N PHE C 67 -33.06 15.93 -14.46
CA PHE C 67 -33.08 14.62 -13.84
C PHE C 67 -34.37 13.91 -14.20
N THR C 68 -34.25 12.63 -14.53
CA THR C 68 -35.39 11.79 -14.88
C THR C 68 -35.46 10.61 -13.91
N ILE C 69 -36.62 10.42 -13.30
CA ILE C 69 -36.88 9.29 -12.42
C ILE C 69 -37.88 8.39 -13.13
N SER C 70 -37.61 7.08 -13.12
CA SER C 70 -38.49 6.13 -13.78
C SER C 70 -38.45 4.81 -13.04
N LYS C 71 -39.53 4.05 -13.18
CA LYS C 71 -39.66 2.73 -12.56
C LYS C 71 -39.39 1.68 -13.63
N THR C 72 -38.40 0.82 -13.37
CA THR C 72 -37.98 -0.18 -14.33
C THR C 72 -38.35 -1.60 -13.92
N SER C 73 -38.87 -1.80 -12.72
CA SER C 73 -39.36 -3.09 -12.27
C SER C 73 -40.08 -2.88 -10.95
N SER C 74 -40.58 -3.98 -10.38
CA SER C 74 -41.25 -3.92 -9.09
C SER C 74 -40.30 -3.63 -7.93
N THR C 75 -38.99 -3.65 -8.17
CA THR C 75 -38.01 -3.43 -7.12
C THR C 75 -36.93 -2.42 -7.47
N THR C 76 -36.98 -1.80 -8.65
CA THR C 76 -35.92 -0.92 -9.10
C THR C 76 -36.49 0.40 -9.59
N VAL C 77 -35.89 1.50 -9.14
CA VAL C 77 -36.15 2.84 -9.64
C VAL C 77 -34.80 3.45 -10.02
N THR C 78 -34.79 4.19 -11.12
CA THR C 78 -33.55 4.75 -11.66
C THR C 78 -33.58 6.27 -11.57
N LEU C 79 -32.38 6.84 -11.45
CA LEU C 79 -32.17 8.29 -11.56
C LEU C 79 -31.18 8.53 -12.69
N GLN C 80 -31.54 9.39 -13.64
CA GLN C 80 -30.75 9.62 -14.82
C GLN C 80 -30.55 11.11 -15.05
N MET C 81 -29.30 11.50 -15.27
CA MET C 81 -28.92 12.85 -15.65
C MET C 81 -28.07 12.76 -16.91
N THR C 82 -28.33 13.65 -17.86
CA THR C 82 -27.80 13.47 -19.21
C THR C 82 -26.43 14.14 -19.39
N SER C 83 -26.16 15.22 -18.68
CA SER C 83 -24.89 15.93 -18.78
C SER C 83 -24.44 16.30 -17.38
N LEU C 84 -23.36 15.67 -16.90
CA LEU C 84 -22.87 15.88 -15.54
C LEU C 84 -21.81 16.98 -15.52
N THR C 85 -21.93 17.88 -14.56
CA THR C 85 -20.94 18.91 -14.30
C THR C 85 -20.33 18.67 -12.92
N VAL C 86 -19.24 19.39 -12.64
CA VAL C 86 -18.57 19.24 -11.36
C VAL C 86 -19.52 19.59 -10.21
N ALA C 87 -20.50 20.46 -10.46
CA ALA C 87 -21.48 20.82 -9.45
C ALA C 87 -22.43 19.67 -9.11
N ASP C 88 -22.43 18.60 -9.90
CA ASP C 88 -23.25 17.43 -9.61
C ASP C 88 -22.55 16.43 -8.71
N THR C 89 -21.31 16.72 -8.30
CA THR C 89 -20.63 15.87 -7.33
C THR C 89 -21.40 15.90 -6.01
N ALA C 90 -21.84 14.73 -5.56
CA ALA C 90 -22.69 14.66 -4.38
C ALA C 90 -22.95 13.20 -4.05
N THR C 91 -23.55 12.97 -2.89
CA THR C 91 -24.10 11.68 -2.52
C THR C 91 -25.59 11.67 -2.86
N TYR C 92 -26.02 10.67 -3.60
CA TYR C 92 -27.40 10.57 -4.06
C TYR C 92 -28.11 9.48 -3.26
N PHE C 93 -29.12 9.87 -2.51
CA PHE C 93 -29.93 8.94 -1.72
C PHE C 93 -31.25 8.67 -2.44
N CYS C 94 -31.72 7.44 -2.34
CA CYS C 94 -33.11 7.13 -2.63
C CYS C 94 -33.81 6.74 -1.33
N ALA C 95 -35.04 7.22 -1.18
CA ALA C 95 -35.81 7.01 0.04
C ALA C 95 -37.20 6.48 -0.31
N ARG C 96 -37.72 5.60 0.53
CA ARG C 96 -39.08 5.11 0.41
C ARG C 96 -39.97 5.91 1.34
N PHE C 97 -41.02 6.52 0.79
CA PHE C 97 -41.98 7.31 1.54
C PHE C 97 -43.30 6.55 1.60
N SER C 98 -43.72 6.18 2.80
CA SER C 98 -44.86 5.30 3.01
C SER C 98 -46.11 6.08 3.36
N ASP C 99 -47.25 5.41 3.23
CA ASP C 99 -48.55 5.99 3.53
C ASP C 99 -48.77 6.04 5.03
N THR C 100 -49.04 7.24 5.56
CA THR C 100 -49.39 7.42 6.96
C THR C 100 -50.88 7.51 7.18
N GLY C 101 -51.67 7.53 6.10
CA GLY C 101 -53.07 7.86 6.18
C GLY C 101 -53.35 9.18 5.47
N PRO C 102 -53.05 10.30 6.14
CA PRO C 102 -53.29 11.60 5.51
C PRO C 102 -52.27 11.95 4.43
N ASP C 103 -51.07 11.39 4.47
CA ASP C 103 -50.04 11.74 3.50
C ASP C 103 -49.11 10.56 3.29
N TYR C 104 -48.04 10.78 2.52
CA TYR C 104 -46.96 9.83 2.34
C TYR C 104 -45.66 10.38 2.93
N GLY C 105 -45.77 11.05 4.07
CA GLY C 105 -44.64 11.71 4.68
C GLY C 105 -43.69 10.82 5.47
N LEU C 106 -43.96 9.52 5.53
CA LEU C 106 -43.14 8.60 6.33
C LEU C 106 -41.94 8.18 5.49
N GLY C 107 -40.94 9.06 5.46
CA GLY C 107 -39.68 8.75 4.80
C GLY C 107 -38.72 8.09 5.75
N ASN C 108 -39.03 6.87 6.18
CA ASN C 108 -38.29 6.18 7.22
C ASN C 108 -37.41 5.06 6.68
N LEU C 109 -37.18 5.01 5.37
CA LEU C 109 -36.29 4.02 4.78
C LEU C 109 -35.39 4.72 3.77
N TRP C 110 -34.11 4.83 4.09
CA TRP C 110 -33.12 5.48 3.24
C TRP C 110 -32.02 4.50 2.88
N GLY C 111 -31.51 4.63 1.66
CA GLY C 111 -30.35 3.88 1.25
C GLY C 111 -29.08 4.51 1.79
N PRO C 112 -27.97 3.77 1.78
CA PRO C 112 -26.70 4.35 2.27
C PRO C 112 -26.24 5.53 1.44
N GLY C 113 -26.80 5.75 0.27
CA GLY C 113 -26.34 6.80 -0.62
C GLY C 113 -25.29 6.30 -1.59
N SER C 114 -25.30 6.89 -2.79
CA SER C 114 -24.32 6.58 -3.82
C SER C 114 -23.48 7.83 -4.07
N LEU C 115 -22.18 7.73 -3.84
CA LEU C 115 -21.29 8.86 -4.02
C LEU C 115 -20.92 8.99 -5.49
N VAL C 116 -21.29 10.11 -6.11
CA VAL C 116 -20.97 10.40 -7.50
C VAL C 116 -19.94 11.51 -7.52
N THR C 117 -18.76 11.22 -8.05
CA THR C 117 -17.66 12.17 -8.15
C THR C 117 -17.46 12.53 -9.61
N VAL C 118 -17.73 13.78 -9.97
CA VAL C 118 -17.62 14.27 -11.33
C VAL C 118 -16.26 14.94 -11.45
N SER C 119 -15.30 14.26 -12.06
CA SER C 119 -13.95 14.79 -12.18
C SER C 119 -13.28 14.22 -13.43
N SER C 120 -12.37 15.00 -14.00
CA SER C 120 -11.61 14.55 -15.15
C SER C 120 -10.49 13.58 -14.77
N GLY C 121 -10.12 13.53 -13.50
CA GLY C 121 -9.01 12.70 -13.08
C GLY C 121 -9.32 11.22 -13.21
N GLN C 122 -8.27 10.45 -13.17
CA GLN C 122 -8.23 8.99 -13.23
C GLN C 122 -8.22 8.43 -11.81
N PRO C 123 -8.77 7.24 -11.59
CA PRO C 123 -8.63 6.60 -10.28
C PRO C 123 -7.17 6.55 -9.85
N LYS C 124 -6.90 7.02 -8.64
CA LYS C 124 -5.55 7.08 -8.10
C LYS C 124 -5.53 6.48 -6.71
N ALA C 125 -4.64 5.50 -6.50
CA ALA C 125 -4.52 4.86 -5.21
C ALA C 125 -3.84 5.81 -4.21
N PRO C 126 -4.10 5.64 -2.91
CA PRO C 126 -3.52 6.55 -1.93
C PRO C 126 -2.07 6.25 -1.63
N SER C 127 -1.36 7.29 -1.23
CA SER C 127 -0.02 7.17 -0.64
C SER C 127 -0.14 7.28 0.86
N VAL C 128 0.38 6.29 1.58
CA VAL C 128 0.29 6.24 3.03
C VAL C 128 1.65 6.59 3.62
N PHE C 129 1.66 7.54 4.56
CA PHE C 129 2.87 7.98 5.23
C PHE C 129 2.70 7.90 6.74
N PRO C 130 3.69 7.39 7.47
CA PRO C 130 3.57 7.32 8.93
C PRO C 130 3.63 8.70 9.56
N LEU C 131 2.93 8.83 10.68
CA LEU C 131 2.92 10.05 11.48
C LEU C 131 3.48 9.74 12.86
N ALA C 132 4.58 10.39 13.21
CA ALA C 132 5.25 10.16 14.49
C ALA C 132 5.91 11.45 14.94
N PRO C 133 6.08 11.66 16.25
CA PRO C 133 6.71 12.89 16.72
C PRO C 133 8.14 13.01 16.22
N CYS C 134 8.61 14.25 16.12
CA CYS C 134 9.97 14.52 15.68
C CYS C 134 10.96 13.64 16.44
N CYS C 135 11.83 12.95 15.69
CA CYS C 135 12.75 12.00 16.30
C CYS C 135 13.67 12.68 17.31
N GLY C 136 13.90 13.99 17.18
CA GLY C 136 14.73 14.73 18.10
C GLY C 136 14.03 15.22 19.35
N ASP C 137 12.79 14.81 19.58
CA ASP C 137 12.06 15.21 20.77
C ASP C 137 12.23 14.17 21.88
N THR C 138 12.01 14.62 23.11
CA THR C 138 12.07 13.73 24.25
C THR C 138 10.74 12.99 24.41
N PRO C 139 10.72 11.66 24.41
CA PRO C 139 9.46 10.94 24.49
C PRO C 139 8.91 10.90 25.92
N SER C 140 7.68 10.40 26.03
CA SER C 140 7.04 10.21 27.32
C SER C 140 6.41 8.82 27.39
N SER C 141 5.64 8.55 28.45
CA SER C 141 4.99 7.26 28.59
C SER C 141 3.97 7.05 27.47
N THR C 142 3.04 7.99 27.31
CA THR C 142 2.04 7.92 26.26
C THR C 142 2.54 8.63 25.01
N VAL C 143 2.33 8.01 23.86
CA VAL C 143 2.70 8.59 22.57
C VAL C 143 1.58 8.28 21.58
N THR C 144 1.28 9.26 20.73
CA THR C 144 0.22 9.13 19.73
C THR C 144 0.86 9.06 18.34
N LEU C 145 0.59 7.96 17.64
CA LEU C 145 1.06 7.74 16.28
C LEU C 145 -0.12 7.83 15.32
N GLY C 146 0.17 7.75 14.02
CA GLY C 146 -0.91 7.84 13.05
C GLY C 146 -0.43 7.52 11.65
N CYS C 147 -1.36 7.64 10.71
CA CYS C 147 -1.10 7.43 9.29
C CYS C 147 -1.75 8.55 8.49
N LEU C 148 -1.02 9.04 7.49
CA LEU C 148 -1.55 10.04 6.56
C LEU C 148 -1.85 9.35 5.24
N VAL C 149 -3.13 9.39 4.84
CA VAL C 149 -3.58 8.82 3.57
C VAL C 149 -3.74 9.98 2.60
N LYS C 150 -2.85 10.06 1.61
CA LYS C 150 -2.69 11.26 0.81
C LYS C 150 -2.85 10.96 -0.68
N GLY C 151 -3.60 11.83 -1.37
CA GLY C 151 -3.65 11.85 -2.81
C GLY C 151 -4.37 10.70 -3.49
N TYR C 152 -5.59 10.40 -3.08
CA TYR C 152 -6.38 9.36 -3.72
C TYR C 152 -7.61 9.94 -4.38
N LEU C 153 -8.16 9.20 -5.34
CA LEU C 153 -9.37 9.62 -6.04
C LEU C 153 -10.07 8.40 -6.64
N PRO C 154 -11.38 8.24 -6.45
CA PRO C 154 -12.27 9.08 -5.63
C PRO C 154 -12.36 8.56 -4.21
N GLU C 155 -13.19 9.21 -3.39
CA GLU C 155 -13.55 8.63 -2.11
C GLU C 155 -14.29 7.32 -2.34
N PRO C 156 -14.36 6.44 -1.33
CA PRO C 156 -13.79 6.56 0.01
C PRO C 156 -12.57 5.68 0.23
N VAL C 157 -11.90 5.89 1.36
CA VAL C 157 -10.95 4.94 1.91
C VAL C 157 -11.40 4.64 3.33
N THR C 158 -11.12 3.41 3.78
CA THR C 158 -11.43 3.00 5.14
C THR C 158 -10.14 2.62 5.87
N VAL C 159 -9.97 3.15 7.07
CA VAL C 159 -8.77 2.92 7.88
C VAL C 159 -9.15 2.09 9.09
N THR C 160 -8.34 1.08 9.39
CA THR C 160 -8.41 0.35 10.64
C THR C 160 -7.00 0.24 11.19
N TRP C 161 -6.91 -0.10 12.48
CA TRP C 161 -5.65 -0.26 13.17
C TRP C 161 -5.54 -1.69 13.67
N ASN C 162 -4.39 -2.32 13.44
CA ASN C 162 -4.16 -3.72 13.82
C ASN C 162 -5.29 -4.61 13.31
N SER C 163 -5.76 -4.30 12.10
CA SER C 163 -6.80 -5.09 11.44
C SER C 163 -8.07 -5.18 12.29
N GLY C 164 -8.47 -4.05 12.86
CA GLY C 164 -9.73 -3.96 13.58
C GLY C 164 -9.65 -4.28 15.05
N THR C 165 -8.54 -4.83 15.54
CA THR C 165 -8.41 -5.18 16.95
C THR C 165 -8.08 -3.97 17.83
N LEU C 166 -7.69 -2.85 17.24
CA LEU C 166 -7.38 -1.64 17.98
C LEU C 166 -8.40 -0.56 17.64
N THR C 167 -9.18 -0.15 18.64
CA THR C 167 -10.20 0.86 18.42
C THR C 167 -10.11 1.95 19.49
N ASN C 168 -9.73 1.58 20.71
CA ASN C 168 -9.63 2.54 21.79
C ASN C 168 -8.58 3.60 21.48
N GLY C 169 -8.99 4.87 21.57
CA GLY C 169 -8.08 5.96 21.29
C GLY C 169 -7.81 6.20 19.83
N VAL C 170 -8.61 5.63 18.94
CA VAL C 170 -8.45 5.83 17.50
C VAL C 170 -9.31 7.01 17.06
N ARG C 171 -8.69 7.97 16.39
CA ARG C 171 -9.38 9.15 15.86
C ARG C 171 -9.10 9.18 14.36
N THR C 172 -10.08 8.77 13.56
CA THR C 172 -9.99 8.83 12.12
C THR C 172 -10.77 10.05 11.64
N PHE C 173 -10.07 10.98 11.03
CA PHE C 173 -10.69 12.25 10.66
C PHE C 173 -11.38 12.15 9.31
N PRO C 174 -12.44 12.92 9.08
CA PRO C 174 -13.04 12.95 7.75
C PRO C 174 -12.06 13.48 6.72
N SER C 175 -12.26 13.06 5.47
CA SER C 175 -11.36 13.43 4.40
C SER C 175 -11.53 14.90 4.02
N VAL C 176 -10.48 15.44 3.40
CA VAL C 176 -10.51 16.78 2.83
C VAL C 176 -10.13 16.67 1.36
N ARG C 177 -10.66 17.57 0.55
CA ARG C 177 -10.37 17.62 -0.87
C ARG C 177 -9.31 18.68 -1.13
N GLN C 178 -8.15 18.25 -1.60
CA GLN C 178 -7.06 19.16 -1.91
C GLN C 178 -7.48 20.12 -3.02
N SER C 179 -6.64 21.14 -3.24
CA SER C 179 -6.87 22.06 -4.34
C SER C 179 -6.76 21.36 -5.69
N SER C 180 -5.93 20.32 -5.77
CA SER C 180 -5.75 19.59 -7.03
C SER C 180 -6.95 18.71 -7.38
N GLY C 181 -7.81 18.41 -6.40
CA GLY C 181 -8.91 17.50 -6.59
C GLY C 181 -8.71 16.14 -5.95
N LEU C 182 -7.54 15.88 -5.39
CA LEU C 182 -7.27 14.63 -4.70
C LEU C 182 -7.63 14.76 -3.22
N TYR C 183 -8.02 13.64 -2.63
CA TYR C 183 -8.49 13.60 -1.25
C TYR C 183 -7.37 13.14 -0.32
N SER C 184 -7.50 13.51 0.95
CA SER C 184 -6.53 13.14 1.97
C SER C 184 -7.25 13.06 3.31
N LEU C 185 -6.80 12.12 4.15
CA LEU C 185 -7.29 12.05 5.51
C LEU C 185 -6.19 11.52 6.41
N SER C 186 -6.36 11.74 7.71
CA SER C 186 -5.43 11.27 8.73
C SER C 186 -6.16 10.37 9.71
N SER C 187 -5.39 9.55 10.41
CA SER C 187 -5.93 8.67 11.44
C SER C 187 -4.84 8.47 12.49
N VAL C 188 -5.14 8.84 13.72
CA VAL C 188 -4.17 8.76 14.82
C VAL C 188 -4.71 7.84 15.88
N VAL C 189 -3.81 7.36 16.73
CA VAL C 189 -4.16 6.46 17.82
C VAL C 189 -3.16 6.67 18.96
N SER C 190 -3.65 6.61 20.19
CA SER C 190 -2.81 6.76 21.37
C SER C 190 -2.54 5.39 21.99
N VAL C 191 -1.32 5.22 22.49
CA VAL C 191 -0.90 3.94 23.04
C VAL C 191 0.40 4.15 23.80
N THR C 192 0.68 3.29 24.78
CA THR C 192 1.89 3.39 25.58
C THR C 192 3.07 2.80 24.81
N PRO C 197 4.13 -2.13 18.65
CA PRO C 197 3.97 -1.57 17.31
C PRO C 197 2.53 -1.61 16.81
N VAL C 198 2.10 -0.54 16.14
CA VAL C 198 0.74 -0.44 15.63
C VAL C 198 0.80 -0.32 14.11
N THR C 199 -0.23 -0.84 13.45
CA THR C 199 -0.29 -0.88 11.99
C THR C 199 -1.66 -0.39 11.53
N CYS C 200 -1.66 0.55 10.60
CA CYS C 200 -2.89 1.07 10.01
C CYS C 200 -3.15 0.33 8.70
N ASN C 201 -4.40 -0.07 8.50
CA ASN C 201 -4.82 -0.80 7.30
C ASN C 201 -5.70 0.14 6.48
N VAL C 202 -5.16 0.63 5.38
CA VAL C 202 -5.86 1.57 4.50
C VAL C 202 -6.40 0.79 3.31
N ALA C 203 -7.69 0.97 3.02
CA ALA C 203 -8.35 0.30 1.91
C ALA C 203 -8.92 1.32 0.96
N HIS C 204 -8.63 1.16 -0.34
CA HIS C 204 -9.15 2.02 -1.39
C HIS C 204 -9.79 1.13 -2.44
N PRO C 205 -11.07 0.78 -2.29
CA PRO C 205 -11.68 -0.19 -3.22
C PRO C 205 -11.75 0.29 -4.66
N ALA C 206 -11.78 1.60 -4.90
CA ALA C 206 -11.87 2.10 -6.26
C ALA C 206 -10.69 1.67 -7.11
N THR C 207 -9.55 1.34 -6.50
CA THR C 207 -8.39 0.87 -7.23
C THR C 207 -7.90 -0.48 -6.73
N ASN C 208 -8.72 -1.20 -5.95
CA ASN C 208 -8.37 -2.53 -5.46
C ASN C 208 -7.03 -2.49 -4.74
N THR C 209 -6.93 -1.59 -3.77
CA THR C 209 -5.68 -1.34 -3.07
C THR C 209 -5.90 -1.47 -1.56
N LYS C 210 -5.03 -2.25 -0.92
CA LYS C 210 -4.96 -2.31 0.53
C LYS C 210 -3.51 -2.05 0.93
N VAL C 211 -3.30 -1.09 1.82
CA VAL C 211 -1.97 -0.69 2.24
C VAL C 211 -1.89 -0.78 3.75
N ASP C 212 -0.85 -1.46 4.25
CA ASP C 212 -0.61 -1.59 5.67
C ASP C 212 0.73 -0.95 6.00
N LYS C 213 0.69 0.10 6.83
CA LYS C 213 1.87 0.79 7.30
C LYS C 213 2.02 0.57 8.79
N THR C 214 3.15 0.01 9.20
CA THR C 214 3.46 -0.17 10.61
C THR C 214 4.22 1.06 11.10
N VAL C 215 3.68 1.73 12.10
CA VAL C 215 4.21 2.99 12.60
C VAL C 215 4.88 2.75 13.95
N ALA C 216 5.98 3.45 14.18
CA ALA C 216 6.70 3.39 15.44
C ALA C 216 7.43 4.71 15.64
N PRO C 217 7.72 5.10 16.89
CA PRO C 217 8.40 6.38 17.14
C PRO C 217 9.66 6.58 16.31
N ASP D 1 -43.60 24.96 -6.12
CA ASP D 1 -42.87 24.19 -5.09
C ASP D 1 -43.03 24.83 -3.71
N ILE D 2 -43.13 23.99 -2.68
CA ILE D 2 -43.15 24.47 -1.31
C ILE D 2 -41.72 24.74 -0.86
N VAL D 3 -41.47 25.94 -0.35
CA VAL D 3 -40.15 26.34 0.13
C VAL D 3 -40.20 26.38 1.65
N MET D 4 -39.26 25.68 2.28
CA MET D 4 -39.17 25.61 3.74
C MET D 4 -38.00 26.47 4.18
N THR D 5 -38.29 27.55 4.88
CA THR D 5 -37.26 28.43 5.44
C THR D 5 -37.03 28.03 6.88
N GLN D 6 -35.82 27.53 7.16
CA GLN D 6 -35.47 26.98 8.46
C GLN D 6 -34.56 27.94 9.21
N THR D 7 -34.84 28.11 10.50
CA THR D 7 -34.06 28.96 11.38
C THR D 7 -33.97 28.30 12.75
N PRO D 8 -32.86 28.49 13.47
CA PRO D 8 -31.66 29.19 13.01
C PRO D 8 -30.73 28.28 12.21
N ALA D 9 -29.72 28.85 11.56
CA ALA D 9 -28.76 28.03 10.84
C ALA D 9 -27.92 27.20 11.81
N SER D 10 -27.66 27.73 13.01
CA SER D 10 -26.92 27.02 14.03
C SER D 10 -27.38 27.47 15.40
N VAL D 11 -27.26 26.58 16.38
CA VAL D 11 -27.68 26.88 17.75
C VAL D 11 -26.82 26.05 18.69
N GLU D 12 -26.51 26.63 19.85
CA GLU D 12 -25.80 25.95 20.92
C GLU D 12 -26.71 25.81 22.13
N ALA D 13 -26.38 24.82 22.97
CA ALA D 13 -27.11 24.61 24.21
C ALA D 13 -26.34 23.61 25.05
N ALA D 14 -26.45 23.78 26.37
CA ALA D 14 -25.71 22.94 27.30
C ALA D 14 -26.36 21.56 27.42
N VAL D 15 -25.56 20.58 27.84
CA VAL D 15 -26.10 19.27 28.16
C VAL D 15 -27.24 19.42 29.14
N GLY D 16 -28.36 18.75 28.86
CA GLY D 16 -29.56 18.89 29.65
C GLY D 16 -30.43 20.08 29.28
N GLY D 17 -30.01 20.89 28.31
CA GLY D 17 -30.77 22.04 27.88
C GLY D 17 -31.79 21.71 26.81
N THR D 18 -32.29 22.76 26.18
CA THR D 18 -33.34 22.63 25.17
C THR D 18 -33.01 23.53 24.00
N VAL D 19 -33.23 23.02 22.78
CA VAL D 19 -33.06 23.79 21.56
C VAL D 19 -34.39 23.83 20.83
N THR D 20 -34.62 24.92 20.11
CA THR D 20 -35.84 25.12 19.36
C THR D 20 -35.48 25.45 17.92
N ILE D 21 -35.92 24.61 16.99
CA ILE D 21 -35.67 24.78 15.57
C ILE D 21 -37.00 25.06 14.89
N LYS D 22 -37.06 26.14 14.13
CA LYS D 22 -38.29 26.58 13.49
C LYS D 22 -38.18 26.44 11.98
N CYS D 23 -39.35 26.32 11.35
CA CYS D 23 -39.41 26.09 9.91
C CYS D 23 -40.73 26.65 9.38
N GLN D 24 -40.65 27.64 8.49
CA GLN D 24 -41.83 28.30 7.95
C GLN D 24 -42.07 27.82 6.52
N ALA D 25 -43.31 27.45 6.22
CA ALA D 25 -43.69 26.99 4.89
C ALA D 25 -44.23 28.15 4.07
N SER D 26 -43.99 28.09 2.76
CA SER D 26 -44.41 29.17 1.87
C SER D 26 -45.93 29.20 1.71
N GLN D 27 -46.59 28.06 1.85
CA GLN D 27 -48.04 27.98 1.79
C GLN D 27 -48.54 27.12 2.94
N ARG D 28 -49.81 27.31 3.29
CA ARG D 28 -50.43 26.45 4.29
C ARG D 28 -50.41 25.00 3.83
N ILE D 29 -49.85 24.12 4.66
CA ILE D 29 -49.72 22.71 4.31
C ILE D 29 -50.17 21.86 5.48
N GLY D 30 -51.07 22.40 6.30
CA GLY D 30 -51.62 21.61 7.40
C GLY D 30 -50.53 21.12 8.32
N SER D 31 -50.55 19.82 8.61
CA SER D 31 -49.54 19.17 9.45
C SER D 31 -48.64 18.26 8.65
N HIS D 32 -48.54 18.48 7.34
CA HIS D 32 -47.72 17.64 6.46
C HIS D 32 -46.28 18.14 6.50
N VAL D 33 -45.59 17.81 7.59
CA VAL D 33 -44.20 18.18 7.78
C VAL D 33 -43.47 17.03 8.47
N SER D 34 -42.27 16.73 8.00
CA SER D 34 -41.40 15.73 8.60
C SER D 34 -40.10 16.38 9.03
N TRP D 35 -39.47 15.78 10.04
CA TRP D 35 -38.18 16.24 10.56
C TRP D 35 -37.17 15.11 10.52
N TYR D 36 -35.93 15.44 10.20
CA TYR D 36 -34.87 14.44 10.04
C TYR D 36 -33.64 14.85 10.85
N GLN D 37 -32.89 13.84 11.28
CA GLN D 37 -31.59 14.01 11.91
C GLN D 37 -30.54 13.38 11.02
N GLN D 38 -29.44 14.09 10.78
CA GLN D 38 -28.33 13.56 10.01
C GLN D 38 -27.02 13.88 10.70
N LYS D 39 -26.30 12.85 11.11
CA LYS D 39 -24.97 13.01 11.66
C LYS D 39 -23.92 12.85 10.57
N PRO D 40 -22.71 13.37 10.78
CA PRO D 40 -21.69 13.32 9.72
C PRO D 40 -21.38 11.89 9.31
N GLY D 41 -21.38 11.65 8.00
CA GLY D 41 -21.06 10.35 7.46
C GLY D 41 -22.20 9.35 7.46
N GLN D 42 -23.41 9.78 7.80
CA GLN D 42 -24.54 8.88 7.92
C GLN D 42 -25.70 9.37 7.05
N ARG D 43 -26.60 8.46 6.74
CA ARG D 43 -27.80 8.81 5.99
C ARG D 43 -28.80 9.51 6.92
N PRO D 44 -29.72 10.28 6.36
CA PRO D 44 -30.74 10.94 7.19
C PRO D 44 -31.55 9.92 7.97
N LYS D 45 -31.97 10.31 9.17
CA LYS D 45 -32.83 9.51 10.02
C LYS D 45 -34.14 10.26 10.26
N LEU D 46 -35.26 9.60 9.98
CA LEU D 46 -36.55 10.23 10.25
C LEU D 46 -36.80 10.31 11.74
N LEU D 47 -37.18 11.49 12.20
CA LEU D 47 -37.53 11.74 13.60
C LEU D 47 -39.03 11.88 13.81
N ILE D 48 -39.67 12.75 13.04
CA ILE D 48 -41.06 13.11 13.25
C ILE D 48 -41.73 13.25 11.89
N TYR D 49 -42.96 12.74 11.79
CA TYR D 49 -43.78 12.90 10.61
C TYR D 49 -45.14 13.44 11.04
N GLY D 50 -45.86 14.03 10.09
CA GLY D 50 -47.13 14.65 10.42
C GLY D 50 -47.00 15.75 11.45
N ALA D 51 -45.90 16.49 11.44
CA ALA D 51 -45.68 17.65 12.30
C ALA D 51 -45.37 17.26 13.75
N SER D 52 -45.98 16.20 14.27
CA SER D 52 -45.85 15.90 15.69
C SER D 52 -45.81 14.42 16.03
N ASN D 53 -45.90 13.51 15.06
CA ASN D 53 -45.92 12.09 15.35
C ASN D 53 -44.50 11.53 15.40
N LEU D 54 -44.18 10.83 16.48
CA LEU D 54 -42.83 10.35 16.73
C LEU D 54 -42.59 9.04 16.01
N GLU D 55 -41.58 9.00 15.14
CA GLU D 55 -41.19 7.76 14.50
C GLU D 55 -40.76 6.73 15.53
N SER D 56 -40.98 5.46 15.21
CA SER D 56 -40.68 4.39 16.15
C SER D 56 -39.21 4.43 16.56
N GLY D 57 -38.96 4.29 17.86
CA GLY D 57 -37.63 4.23 18.40
C GLY D 57 -36.99 5.56 18.71
N VAL D 58 -37.56 6.66 18.23
CA VAL D 58 -36.98 7.98 18.49
C VAL D 58 -37.29 8.39 19.93
N PRO D 59 -36.32 8.90 20.69
CA PRO D 59 -36.61 9.28 22.08
C PRO D 59 -37.70 10.33 22.17
N SER D 60 -38.46 10.26 23.27
CA SER D 60 -39.60 11.15 23.45
C SER D 60 -39.20 12.60 23.69
N ARG D 61 -37.93 12.87 23.98
CA ARG D 61 -37.47 14.25 24.15
C ARG D 61 -37.37 15.00 22.82
N PHE D 62 -37.61 14.33 21.70
CA PHE D 62 -37.81 14.99 20.42
C PHE D 62 -39.31 15.21 20.22
N SER D 63 -39.72 16.46 20.04
CA SER D 63 -41.13 16.77 19.86
C SER D 63 -41.29 17.79 18.73
N GLY D 64 -42.36 17.63 17.96
CA GLY D 64 -42.70 18.56 16.91
C GLY D 64 -44.04 19.21 17.18
N SER D 65 -44.22 20.41 16.65
CA SER D 65 -45.46 21.16 16.82
C SER D 65 -45.67 22.06 15.62
N GLY D 66 -46.92 22.49 15.45
CA GLY D 66 -47.26 23.42 14.38
C GLY D 66 -48.33 22.93 13.44
N SER D 67 -48.99 23.88 12.76
CA SER D 67 -50.00 23.57 11.76
C SER D 67 -50.03 24.71 10.75
N GLY D 68 -50.15 24.37 9.48
CA GLY D 68 -50.26 25.38 8.44
C GLY D 68 -48.94 25.82 7.87
N THR D 69 -48.26 26.76 8.54
CA THR D 69 -47.03 27.34 8.01
C THR D 69 -45.92 27.38 9.06
N GLN D 70 -46.28 27.52 10.34
CA GLN D 70 -45.31 27.71 11.41
C GLN D 70 -45.10 26.36 12.10
N PHE D 71 -43.90 25.80 11.95
CA PHE D 71 -43.57 24.48 12.49
C PHE D 71 -42.32 24.57 13.34
N THR D 72 -42.26 23.73 14.36
CA THR D 72 -41.18 23.77 15.34
C THR D 72 -40.79 22.37 15.77
N LEU D 73 -39.50 22.10 15.79
CA LEU D 73 -38.93 20.91 16.41
C LEU D 73 -38.23 21.33 17.70
N THR D 74 -38.55 20.65 18.79
CA THR D 74 -37.97 20.93 20.10
C THR D 74 -37.23 19.70 20.58
N ILE D 75 -36.00 19.90 21.04
CA ILE D 75 -35.17 18.84 21.62
C ILE D 75 -34.88 19.24 23.07
N SER D 76 -35.45 18.49 24.01
CA SER D 76 -35.22 18.72 25.42
C SER D 76 -34.22 17.72 25.97
N ASP D 77 -33.68 18.04 27.14
CA ASP D 77 -32.71 17.17 27.83
C ASP D 77 -31.58 16.77 26.88
N LEU D 78 -30.94 17.80 26.34
CA LEU D 78 -29.97 17.62 25.26
C LEU D 78 -28.82 16.72 25.70
N GLU D 79 -28.39 15.84 24.79
CA GLU D 79 -27.27 14.94 25.02
C GLU D 79 -26.19 15.20 23.98
N CYS D 80 -24.94 14.93 24.34
CA CYS D 80 -23.84 15.06 23.38
C CYS D 80 -24.10 14.24 22.13
N ALA D 81 -24.82 13.14 22.25
CA ALA D 81 -25.14 12.31 21.09
C ALA D 81 -26.14 12.97 20.15
N ASP D 82 -26.76 14.08 20.57
CA ASP D 82 -27.72 14.80 19.73
C ASP D 82 -27.05 15.79 18.80
N ALA D 83 -25.74 16.00 18.91
CA ALA D 83 -25.03 16.87 17.99
C ALA D 83 -25.21 16.36 16.57
N ALA D 84 -25.89 17.13 15.74
CA ALA D 84 -26.21 16.70 14.37
C ALA D 84 -26.83 17.89 13.65
N THR D 85 -27.18 17.67 12.39
CA THR D 85 -27.91 18.64 11.60
C THR D 85 -29.33 18.14 11.42
N TYR D 86 -30.30 19.04 11.55
CA TYR D 86 -31.72 18.69 11.52
C TYR D 86 -32.40 19.44 10.38
N TYR D 87 -33.30 18.75 9.69
CA TYR D 87 -33.98 19.29 8.51
C TYR D 87 -35.49 19.08 8.64
N CYS D 88 -36.25 20.12 8.30
CA CYS D 88 -37.68 19.96 8.07
C CYS D 88 -37.90 19.58 6.60
N GLN D 89 -39.07 19.00 6.34
CA GLN D 89 -39.45 18.66 4.97
C GLN D 89 -40.96 18.81 4.82
N ALA D 90 -41.38 19.53 3.80
CA ALA D 90 -42.79 19.59 3.44
C ALA D 90 -43.19 18.27 2.78
N THR D 91 -44.32 17.72 3.21
CA THR D 91 -44.83 16.46 2.67
C THR D 91 -46.20 16.66 2.04
N TYR D 92 -46.45 17.85 1.50
CA TYR D 92 -47.67 18.13 0.75
C TYR D 92 -47.45 19.37 -0.10
N ASP D 93 -47.93 19.32 -1.34
CA ASP D 93 -47.85 20.45 -2.26
C ASP D 93 -49.26 20.74 -2.76
N PRO D 94 -49.88 21.85 -2.35
CA PRO D 94 -51.24 22.14 -2.83
C PRO D 94 -51.33 22.29 -4.34
N TYR D 95 -50.23 22.68 -5.00
CA TYR D 95 -50.28 22.93 -6.44
C TYR D 95 -50.34 21.63 -7.23
N THR D 96 -49.77 20.54 -6.70
CA THR D 96 -49.78 19.25 -7.36
C THR D 96 -50.74 18.25 -6.74
N GLY D 97 -51.15 18.46 -5.49
CA GLY D 97 -52.01 17.53 -4.80
C GLY D 97 -51.31 16.32 -4.23
N GLY D 98 -50.03 16.13 -4.51
CA GLY D 98 -49.30 14.97 -3.99
C GLY D 98 -48.81 15.22 -2.58
N SER D 99 -48.86 14.16 -1.77
CA SER D 99 -48.48 14.20 -0.37
C SER D 99 -47.12 13.55 -0.13
N TYR D 100 -46.27 13.56 -1.15
CA TYR D 100 -44.92 13.02 -1.07
C TYR D 100 -44.01 13.97 -0.30
N GLY D 101 -42.93 13.42 0.25
CA GLY D 101 -41.89 14.25 0.81
C GLY D 101 -41.22 15.05 -0.29
N ALA D 102 -41.10 16.37 -0.08
CA ALA D 102 -40.57 17.25 -1.11
C ALA D 102 -39.39 18.06 -0.60
N GLY D 103 -39.42 19.37 -0.78
CA GLY D 103 -38.26 20.18 -0.46
C GLY D 103 -37.92 20.18 1.02
N PHE D 104 -36.62 20.27 1.30
CA PHE D 104 -36.11 20.33 2.66
C PHE D 104 -35.77 21.77 3.04
N GLY D 105 -35.81 22.05 4.34
CA GLY D 105 -35.32 23.31 4.84
C GLY D 105 -33.81 23.40 4.74
N GLY D 106 -33.29 24.60 5.03
CA GLY D 106 -31.86 24.83 4.90
C GLY D 106 -31.02 23.98 5.82
N GLY D 107 -31.60 23.57 6.95
CA GLY D 107 -30.87 22.78 7.92
C GLY D 107 -30.45 23.61 9.13
N THR D 108 -30.35 22.96 10.28
CA THR D 108 -29.91 23.58 11.51
C THR D 108 -28.89 22.68 12.18
N ALA D 109 -27.69 23.21 12.43
CA ALA D 109 -26.65 22.46 13.11
C ALA D 109 -26.77 22.70 14.62
N VAL D 110 -26.83 21.61 15.38
CA VAL D 110 -26.96 21.67 16.83
C VAL D 110 -25.60 21.34 17.43
N VAL D 111 -25.10 22.24 18.29
CA VAL D 111 -23.85 22.05 19.01
C VAL D 111 -24.19 21.96 20.49
N VAL D 112 -23.83 20.85 21.12
CA VAL D 112 -24.10 20.62 22.53
C VAL D 112 -22.88 21.07 23.33
N LYS D 113 -23.06 22.09 24.17
CA LYS D 113 -21.96 22.70 24.90
C LYS D 113 -21.40 21.71 25.93
N GLY D 114 -20.16 21.27 25.72
CA GLY D 114 -19.44 20.50 26.70
C GLY D 114 -18.66 21.39 27.65
N ASP D 115 -17.94 20.74 28.55
CA ASP D 115 -17.10 21.48 29.50
C ASP D 115 -15.96 22.16 28.73
N PRO D 116 -15.81 23.48 28.82
CA PRO D 116 -14.72 24.13 28.06
C PRO D 116 -13.37 23.59 28.49
N VAL D 117 -12.63 23.05 27.53
CA VAL D 117 -11.29 22.53 27.76
C VAL D 117 -10.41 22.89 26.57
N ALA D 118 -9.18 23.31 26.85
CA ALA D 118 -8.26 23.71 25.81
C ALA D 118 -7.69 22.47 25.10
N PRO D 119 -7.33 22.61 23.83
CA PRO D 119 -6.79 21.46 23.10
C PRO D 119 -5.36 21.15 23.52
N SER D 120 -4.99 19.87 23.35
CA SER D 120 -3.61 19.44 23.37
C SER D 120 -3.17 19.22 21.93
N VAL D 121 -2.03 19.80 21.56
CA VAL D 121 -1.64 19.90 20.16
C VAL D 121 -0.44 19.00 19.90
N LEU D 122 -0.45 18.36 18.74
CA LEU D 122 0.65 17.51 18.28
C LEU D 122 0.97 17.88 16.85
N ILE D 123 2.26 18.06 16.56
CA ILE D 123 2.72 18.33 15.20
C ILE D 123 3.50 17.12 14.71
N PHE D 124 3.25 16.73 13.46
CA PHE D 124 3.89 15.57 12.85
C PHE D 124 4.75 16.01 11.68
N PRO D 125 6.08 15.95 11.78
CA PRO D 125 6.91 16.35 10.65
C PRO D 125 6.77 15.35 9.51
N PRO D 126 6.97 15.79 8.26
CA PRO D 126 6.79 14.87 7.14
C PRO D 126 7.71 13.67 7.24
N ALA D 127 7.16 12.50 6.92
CA ALA D 127 7.98 11.30 6.87
C ALA D 127 9.10 11.48 5.85
N ALA D 128 10.16 10.69 6.02
CA ALA D 128 11.35 10.85 5.18
C ALA D 128 11.01 10.68 3.70
N ASP D 129 10.18 9.70 3.37
CA ASP D 129 9.89 9.39 1.98
C ASP D 129 8.89 10.36 1.34
N GLN D 130 8.45 11.39 2.05
CA GLN D 130 7.51 12.35 1.46
C GLN D 130 8.21 13.28 0.49
N VAL D 131 9.35 13.84 0.89
CA VAL D 131 9.99 14.91 0.12
C VAL D 131 10.42 14.44 -1.26
N ALA D 132 10.64 13.13 -1.45
CA ALA D 132 11.04 12.63 -2.75
C ALA D 132 9.92 12.71 -3.78
N THR D 133 8.67 12.81 -3.35
CA THR D 133 7.54 12.82 -4.27
C THR D 133 7.27 14.20 -4.86
N GLY D 134 7.92 15.25 -4.37
CA GLY D 134 7.74 16.60 -4.87
C GLY D 134 6.91 17.49 -3.98
N THR D 135 6.08 16.91 -3.10
CA THR D 135 5.30 17.67 -2.14
C THR D 135 5.40 17.00 -0.78
N VAL D 136 5.38 17.81 0.27
CA VAL D 136 5.34 17.32 1.64
C VAL D 136 4.09 17.88 2.31
N THR D 137 3.52 17.09 3.21
CA THR D 137 2.35 17.49 3.98
C THR D 137 2.66 17.33 5.45
N ILE D 138 2.56 18.43 6.20
CA ILE D 138 2.77 18.44 7.64
C ILE D 138 1.40 18.35 8.30
N VAL D 139 1.27 17.49 9.30
CA VAL D 139 0.01 17.24 9.98
C VAL D 139 0.07 17.82 11.38
N CYS D 140 -1.01 18.50 11.78
CA CYS D 140 -1.17 19.05 13.12
C CYS D 140 -2.52 18.59 13.66
N VAL D 141 -2.53 18.12 14.90
CA VAL D 141 -3.73 17.52 15.49
C VAL D 141 -4.02 18.23 16.82
N ALA D 142 -5.29 18.61 17.00
CA ALA D 142 -5.78 19.16 18.26
C ALA D 142 -6.77 18.17 18.85
N ASN D 143 -6.49 17.72 20.07
CA ASN D 143 -7.20 16.59 20.67
C ASN D 143 -8.10 17.06 21.81
N LYS D 144 -9.36 16.61 21.79
CA LYS D 144 -10.27 16.72 22.92
C LYS D 144 -10.40 18.15 23.41
N TYR D 145 -11.19 18.97 22.71
CA TYR D 145 -11.30 20.39 23.02
C TYR D 145 -12.73 20.85 22.82
N PHE D 146 -13.04 21.98 23.45
CA PHE D 146 -14.30 22.71 23.26
C PHE D 146 -14.17 24.06 23.95
N PRO D 147 -14.65 25.16 23.34
CA PRO D 147 -15.32 25.26 22.03
C PRO D 147 -14.37 25.18 20.83
N ASP D 148 -14.87 25.57 19.66
CA ASP D 148 -14.11 25.49 18.43
C ASP D 148 -12.80 26.26 18.54
N VAL D 149 -11.87 25.92 17.64
CA VAL D 149 -10.55 26.54 17.57
C VAL D 149 -10.32 27.02 16.14
N THR D 150 -9.29 27.84 15.99
CA THR D 150 -8.78 28.26 14.69
C THR D 150 -7.31 27.89 14.60
N VAL D 151 -6.86 27.56 13.39
CA VAL D 151 -5.51 27.08 13.16
C VAL D 151 -4.74 28.13 12.37
N THR D 152 -3.47 28.31 12.75
CA THR D 152 -2.56 29.21 12.07
C THR D 152 -1.25 28.47 11.84
N TRP D 153 -0.79 28.44 10.59
CA TRP D 153 0.49 27.86 10.25
C TRP D 153 1.51 28.97 10.01
N GLU D 154 2.72 28.77 10.52
CA GLU D 154 3.80 29.71 10.33
C GLU D 154 5.03 28.98 9.84
N VAL D 155 5.70 29.56 8.84
CA VAL D 155 6.92 29.02 8.28
C VAL D 155 7.99 30.10 8.46
N ASP D 156 8.90 29.87 9.40
CA ASP D 156 9.92 30.87 9.75
C ASP D 156 9.27 32.20 10.12
N GLY D 157 8.15 32.12 10.83
CA GLY D 157 7.44 33.29 11.31
C GLY D 157 6.37 33.80 10.38
N THR D 158 6.49 33.55 9.08
CA THR D 158 5.53 34.07 8.11
C THR D 158 4.26 33.22 8.12
N THR D 159 3.12 33.86 8.32
CA THR D 159 1.85 33.16 8.33
C THR D 159 1.52 32.64 6.93
N GLN D 160 0.93 31.46 6.88
CA GLN D 160 0.51 30.85 5.62
C GLN D 160 -0.96 31.12 5.36
N THR D 161 -1.33 31.07 4.08
CA THR D 161 -2.71 31.34 3.68
C THR D 161 -3.25 30.25 2.76
N THR D 162 -2.36 29.59 2.01
CA THR D 162 -2.75 28.54 1.08
C THR D 162 -2.08 27.22 1.47
N GLY D 163 -2.59 26.14 0.89
CA GLY D 163 -2.07 24.82 1.18
C GLY D 163 -2.52 24.25 2.50
N ILE D 164 -3.54 24.83 3.12
CA ILE D 164 -4.01 24.42 4.45
C ILE D 164 -5.38 23.77 4.29
N GLU D 165 -5.54 22.58 4.87
CA GLU D 165 -6.80 21.87 4.87
C GLU D 165 -7.10 21.42 6.30
N ASN D 166 -8.34 21.62 6.74
CA ASN D 166 -8.77 21.30 8.09
C ASN D 166 -9.97 20.38 8.04
N SER D 167 -9.97 19.37 8.91
CA SER D 167 -11.12 18.49 9.09
C SER D 167 -11.30 18.22 10.58
N LYS D 168 -12.55 18.05 10.98
CA LYS D 168 -12.90 17.96 12.39
C LYS D 168 -13.78 16.74 12.62
N THR D 169 -13.57 16.06 13.74
CA THR D 169 -14.41 14.94 14.10
C THR D 169 -15.72 15.43 14.72
N PRO D 170 -16.81 14.69 14.53
CA PRO D 170 -18.06 15.05 15.22
C PRO D 170 -17.87 15.01 16.73
N GLN D 171 -18.72 15.76 17.42
CA GLN D 171 -18.60 15.87 18.88
C GLN D 171 -18.66 14.49 19.52
N ASN D 172 -17.79 14.26 20.50
CA ASN D 172 -17.74 12.99 21.19
C ASN D 172 -19.06 12.71 21.89
N SER D 173 -19.53 11.47 21.77
CA SER D 173 -20.84 11.10 22.33
C SER D 173 -20.89 11.23 23.84
N ALA D 174 -19.74 11.32 24.51
CA ALA D 174 -19.69 11.30 25.97
C ALA D 174 -19.34 12.64 26.60
N ASP D 175 -18.42 13.40 26.02
CA ASP D 175 -17.99 14.66 26.62
C ASP D 175 -18.11 15.84 25.67
N CYS D 176 -18.72 15.67 24.50
CA CYS D 176 -19.03 16.74 23.56
C CYS D 176 -17.79 17.39 22.96
N THR D 177 -16.60 16.82 23.16
CA THR D 177 -15.39 17.46 22.69
C THR D 177 -15.15 17.15 21.21
N TYR D 178 -14.43 18.07 20.56
CA TYR D 178 -14.01 17.90 19.19
C TYR D 178 -12.58 17.33 19.12
N ASN D 179 -12.21 16.88 17.92
CA ASN D 179 -10.83 16.67 17.54
C ASN D 179 -10.63 17.30 16.17
N LEU D 180 -9.45 17.84 15.92
CA LEU D 180 -9.18 18.55 14.68
C LEU D 180 -7.88 18.07 14.07
N SER D 181 -7.87 17.95 12.74
CA SER D 181 -6.69 17.60 11.97
C SER D 181 -6.44 18.72 10.96
N SER D 182 -5.27 19.34 11.05
CA SER D 182 -4.86 20.38 10.12
C SER D 182 -3.65 19.89 9.33
N THR D 183 -3.60 20.24 8.05
CA THR D 183 -2.52 19.84 7.17
C THR D 183 -2.00 21.05 6.41
N LEU D 184 -0.68 21.17 6.35
CA LEU D 184 -0.02 22.16 5.50
C LEU D 184 0.73 21.41 4.41
N THR D 185 0.39 21.69 3.16
CA THR D 185 1.05 21.07 2.01
C THR D 185 1.93 22.10 1.32
N LEU D 186 3.17 21.72 1.06
CA LEU D 186 4.14 22.58 0.40
C LEU D 186 4.89 21.77 -0.65
N THR D 187 5.58 22.47 -1.53
CA THR D 187 6.49 21.83 -2.47
C THR D 187 7.81 21.53 -1.79
N SER D 188 8.49 20.48 -2.27
CA SER D 188 9.78 20.11 -1.69
C SER D 188 10.77 21.27 -1.76
N THR D 189 10.69 22.07 -2.83
CA THR D 189 11.54 23.26 -2.91
C THR D 189 11.21 24.25 -1.80
N GLN D 190 9.93 24.39 -1.47
CA GLN D 190 9.55 25.29 -0.39
C GLN D 190 9.91 24.71 0.97
N TYR D 191 9.71 23.41 1.15
CA TYR D 191 9.93 22.80 2.47
C TYR D 191 11.42 22.82 2.83
N ASN D 192 12.26 22.26 1.97
CA ASN D 192 13.69 22.24 2.25
C ASN D 192 14.31 23.63 2.26
N SER D 193 13.56 24.65 1.82
CA SER D 193 14.08 26.01 1.87
C SER D 193 14.07 26.56 3.30
N HIS D 194 12.93 26.49 3.97
CA HIS D 194 12.78 27.05 5.30
C HIS D 194 13.13 26.03 6.38
N LYS D 195 13.13 26.48 7.62
CA LYS D 195 13.62 25.68 8.74
C LYS D 195 12.56 25.39 9.78
N GLU D 196 11.93 26.40 10.36
CA GLU D 196 10.96 26.20 11.43
C GLU D 196 9.55 26.17 10.89
N TYR D 197 8.77 25.22 11.38
CA TYR D 197 7.38 25.03 10.98
C TYR D 197 6.51 24.96 12.23
N THR D 198 5.55 25.86 12.34
CA THR D 198 4.77 26.05 13.56
C THR D 198 3.28 25.90 13.29
N CYS D 199 2.59 25.25 14.21
CA CYS D 199 1.13 25.12 14.17
C CYS D 199 0.58 25.75 15.45
N LYS D 200 -0.18 26.83 15.31
CA LYS D 200 -0.77 27.54 16.43
C LYS D 200 -2.27 27.30 16.44
N VAL D 201 -2.75 26.58 17.46
CA VAL D 201 -4.17 26.30 17.63
C VAL D 201 -4.72 27.31 18.63
N THR D 202 -5.57 28.22 18.15
CA THR D 202 -6.11 29.30 18.97
C THR D 202 -7.55 28.99 19.35
N GLN D 203 -7.86 29.13 20.64
CA GLN D 203 -9.19 28.87 21.18
C GLN D 203 -9.57 30.10 22.01
N GLY D 204 -10.17 31.09 21.35
CA GLY D 204 -10.52 32.33 22.02
C GLY D 204 -9.28 33.13 22.37
N THR D 205 -8.99 33.23 23.66
CA THR D 205 -7.83 33.96 24.16
C THR D 205 -6.72 33.02 24.61
N THR D 206 -6.80 31.75 24.23
CA THR D 206 -5.79 30.75 24.56
C THR D 206 -5.25 30.17 23.25
N SER D 207 -3.93 30.03 23.18
CA SER D 207 -3.29 29.40 22.03
C SER D 207 -2.27 28.38 22.52
N VAL D 208 -2.26 27.23 21.85
CA VAL D 208 -1.28 26.17 22.09
C VAL D 208 -0.55 25.95 20.78
N VAL D 209 0.76 26.16 20.78
CA VAL D 209 1.57 26.10 19.57
C VAL D 209 2.56 24.95 19.69
N GLN D 210 2.83 24.30 18.56
CA GLN D 210 3.72 23.15 18.50
C GLN D 210 4.59 23.31 17.26
N SER D 211 5.90 23.23 17.44
CA SER D 211 6.84 23.51 16.38
C SER D 211 7.84 22.37 16.25
N PHE D 212 8.57 22.41 15.14
CA PHE D 212 9.73 21.56 14.93
C PHE D 212 10.62 22.24 13.91
N ASN D 213 11.86 21.80 13.84
CA ASN D 213 12.82 22.30 12.85
C ASN D 213 13.19 21.15 11.93
N ARG D 214 13.23 21.44 10.62
CA ARG D 214 13.40 20.40 9.62
C ARG D 214 14.64 19.55 9.91
N GLY D 215 15.77 20.19 10.21
CA GLY D 215 16.99 19.45 10.46
C GLY D 215 16.85 18.41 11.56
N ASP D 216 15.97 18.66 12.52
CA ASP D 216 15.77 17.75 13.64
C ASP D 216 14.74 16.69 13.31
S SO4 E . 17.83 -20.36 1.94
O1 SO4 E . 17.24 -20.80 3.20
O2 SO4 E . 16.83 -19.64 1.17
O3 SO4 E . 18.95 -19.47 2.21
O4 SO4 E . 18.29 -21.52 1.18
S SO4 F . -25.66 4.88 8.40
O1 SO4 F . -26.04 3.48 8.26
O2 SO4 F . -26.34 5.67 7.38
O3 SO4 F . -26.05 5.35 9.72
O4 SO4 F . -24.22 5.01 8.23
S SO4 G . -27.20 6.71 15.59
O1 SO4 G . -28.01 6.45 16.77
O2 SO4 G . -27.74 7.84 14.85
O3 SO4 G . -25.83 7.01 16.00
O4 SO4 G . -27.20 5.52 14.74
S SO4 H . -51.61 30.26 1.47
O1 SO4 H . -52.77 29.93 2.28
O2 SO4 H . -51.88 31.48 0.70
O3 SO4 H . -50.46 30.49 2.33
O4 SO4 H . -51.33 29.17 0.54
OH2 1PE I . -19.81 13.89 4.43
C12 1PE I . -20.72 13.53 5.46
C22 1PE I . -21.60 14.69 5.84
OH3 1PE I . -22.63 14.24 6.72
C13 1PE I . -23.96 16.23 6.90
C23 1PE I . -23.90 14.82 6.44
OH4 1PE I . -23.32 16.38 8.16
C14 1PE I . -22.75 18.71 8.12
C24 1PE I . -23.56 17.64 8.78
OH5 1PE I . -23.56 19.87 7.90
C15 1PE I . -24.41 21.31 6.21
C25 1PE I . -24.22 19.90 6.64
OH6 1PE I . -25.79 21.69 6.33
C16 1PE I . -26.82 23.68 7.16
C26 1PE I . -26.07 22.43 7.52
OH7 1PE I . -26.57 24.71 8.10
HO2 1PE I . -19.37 13.19 4.24
H121 1PE I . -21.29 12.81 5.14
H122 1PE I . -20.23 13.24 6.24
H221 1PE I . -21.99 15.07 5.05
H222 1PE I . -21.06 15.36 6.29
H131 1PE I . -23.52 16.80 6.25
H132 1PE I . -24.89 16.50 6.99
H231 1PE I . -24.06 14.78 5.49
H232 1PE I . -24.59 14.30 6.90
H141 1PE I . -22.01 18.94 8.69
H142 1PE I . -22.43 18.39 7.27
H241 1PE I . -24.50 17.84 8.71
H242 1PE I . -23.30 17.57 9.72
H151 1PE I . -23.87 21.90 6.75
H152 1PE I . -24.15 21.40 5.28
H251 1PE I . -25.08 19.46 6.71
H252 1PE I . -23.66 19.43 5.98
H161 1PE I . -27.77 23.49 7.15
H162 1PE I . -26.54 23.97 6.28
H261 1PE I . -25.25 22.67 7.96
H262 1PE I . -26.62 21.89 8.11
HO7 1PE I . -27.10 25.34 7.91
#